data_5V0N
#
_entry.id   5V0N
#
_cell.length_a   82.040
_cell.length_b   103.545
_cell.length_c   99.765
_cell.angle_alpha   90.00
_cell.angle_beta   104.59
_cell.angle_gamma   90.00
#
_symmetry.space_group_name_H-M   'P 1 21 1'
#
loop_
_entity.id
_entity.type
_entity.pdbx_description
1 polymer 'Beta-secretase 1'
2 non-polymer 'SULFATE ION'
3 non-polymer N-{(1S,2S)-1-[(2S)-4-benzyl-3-oxopiperazin-2-yl]-1-hydroxy-3-phenylpropan-2-yl}-7-ethyl-1,3,3-trimethyl-2,2-dioxo-1,2,3,4-tetrahydro-2lambda~6~-[1,2,5]thiadiazepino[3,4,5-hi]indole-9-carboxamide
4 non-polymer UREA
5 non-polymer GLYCEROL
6 water water
#
_entity_poly.entity_id   1
_entity_poly.type   'polypeptide(L)'
_entity_poly.pdbx_seq_one_letter_code
;AGVLPAHGTQHGIRLPLRSGLGGAPLGLRLPRETDEEPEEPGRRGSFVEMVDNLRGKSGQGYYVEMTVGSPPQTLNILVD
TGSSNFAVGAAPHPFLHRYYQRQLSSTYRDLRKGVYVPYTQGKWEGELGTDLVSIPHGPNVTVRANIAAITESDKFFING
SNWEGILGLAYAEIARPDDSLEPFFDSLVKQTHVPNLFSLQLCGAGFPLNQSEVLASVGGSMIIGGIDHSLYTGSLWYTP
IRREWYYEVIIVRVEINGQDLKMDCKEYNYDKSIVDSGTTNLRLPKKVFEAAVKSIKAASSTEKFPDGFWLGEQLVCWQA
GTTPWNIFPVISLYLMGEVTNQSFRITILPQQYLRPVEDVATSQDDCYKFAISQSSTGTVMGAVIMEGFYVVFDRARKRI
GFAVSACHVHDEFRTAAVEGPFVTLDMEDCGYNIPQTDEST
;
_entity_poly.pdbx_strand_id   A,B,C
#
loop_
_chem_comp.id
_chem_comp.type
_chem_comp.name
_chem_comp.formula
8W4 non-polymer N-{(1S,2S)-1-[(2S)-4-benzyl-3-oxopiperazin-2-yl]-1-hydroxy-3-phenylpropan-2-yl}-7-ethyl-1,3,3-trimethyl-2,2-dioxo-1,2,3,4-tetrahydro-2lambda~6~-[1,2,5]thiadiazepino[3,4,5-hi]indole-9-carboxamide 'C36 H43 N5 O5 S'
GOL non-polymer GLYCEROL 'C3 H8 O3'
SO4 non-polymer 'SULFATE ION' 'O4 S -2'
URE non-polymer UREA 'C H4 N2 O'
#
# COMPACT_ATOMS: atom_id res chain seq x y z
N PHE A 47 56.77 -8.62 0.14
CA PHE A 47 55.71 -7.78 0.65
C PHE A 47 56.11 -6.32 0.83
N VAL A 48 57.39 -6.04 0.88
CA VAL A 48 57.88 -4.67 1.12
C VAL A 48 57.43 -3.77 -0.04
N GLU A 49 57.19 -4.38 -1.19
CA GLU A 49 56.66 -3.68 -2.35
C GLU A 49 55.23 -3.10 -2.15
N MET A 50 54.54 -3.62 -1.15
CA MET A 50 53.14 -3.22 -0.88
C MET A 50 53.03 -2.32 0.31
N VAL A 51 54.14 -2.15 1.02
CA VAL A 51 54.10 -1.26 2.15
C VAL A 51 53.91 0.16 1.62
N ASP A 52 53.04 0.89 2.31
CA ASP A 52 52.66 2.26 1.96
C ASP A 52 52.03 2.38 0.57
N ASN A 53 51.32 1.35 0.10
CA ASN A 53 50.61 1.47 -1.16
C ASN A 53 49.24 2.09 -1.09
N LEU A 54 48.80 2.52 0.11
CA LEU A 54 47.55 3.24 0.24
C LEU A 54 47.74 4.72 0.55
N ARG A 55 46.82 5.53 0.04
CA ARG A 55 46.67 6.94 0.34
C ARG A 55 45.20 7.26 0.51
N GLY A 56 44.89 8.45 1.02
CA GLY A 56 43.52 8.93 1.04
C GLY A 56 43.43 10.28 1.69
N LYS A 57 42.22 10.82 1.72
CA LYS A 57 41.87 11.98 2.54
C LYS A 57 40.99 11.53 3.67
N SER A 58 41.20 12.09 4.85
CA SER A 58 40.49 11.72 6.06
C SER A 58 38.98 11.80 5.84
N GLY A 59 38.27 10.73 6.21
CA GLY A 59 36.83 10.64 6.04
C GLY A 59 36.37 10.33 4.62
N GLN A 60 37.30 10.13 3.69
CA GLN A 60 36.94 9.83 2.30
C GLN A 60 37.56 8.53 1.77
N GLY A 61 38.01 7.69 2.68
CA GLY A 61 38.43 6.34 2.34
C GLY A 61 39.90 6.24 1.98
N TYR A 62 40.36 5.01 1.84
CA TYR A 62 41.71 4.68 1.46
C TYR A 62 41.71 4.02 0.13
N TYR A 63 42.65 4.40 -0.73
CA TYR A 63 42.71 3.87 -2.08
C TYR A 63 44.09 3.38 -2.44
N VAL A 64 44.09 2.46 -3.38
CA VAL A 64 45.27 1.79 -3.90
C VAL A 64 45.25 2.05 -5.41
N GLU A 65 46.43 2.12 -6.01
CA GLU A 65 46.51 2.28 -7.45
C GLU A 65 46.36 0.94 -8.17
N MET A 66 45.58 0.94 -9.23
CA MET A 66 45.46 -0.27 -10.03
C MET A 66 45.48 0.15 -11.48
N THR A 67 45.69 -0.79 -12.38
CA THR A 67 45.46 -0.51 -13.78
C THR A 67 44.45 -1.49 -14.30
N VAL A 68 43.69 -1.06 -15.31
CA VAL A 68 42.73 -1.90 -16.02
C VAL A 68 42.95 -1.74 -17.52
N GLY A 69 42.87 -2.84 -18.25
CA GLY A 69 42.87 -2.79 -19.69
C GLY A 69 44.23 -3.00 -20.33
N SER A 70 44.21 -3.10 -21.66
CA SER A 70 45.42 -3.21 -22.47
C SER A 70 45.37 -2.22 -23.64
N PRO A 71 46.26 -1.23 -23.66
CA PRO A 71 47.34 -0.98 -22.70
C PRO A 71 46.77 -0.55 -21.33
N PRO A 72 47.54 -0.71 -20.24
CA PRO A 72 47.04 -0.45 -18.87
C PRO A 72 46.51 0.96 -18.68
N GLN A 73 45.30 1.13 -18.15
CA GLN A 73 44.82 2.45 -17.77
C GLN A 73 44.86 2.56 -16.26
N THR A 74 45.45 3.64 -15.77
CA THR A 74 45.70 3.78 -14.35
C THR A 74 44.56 4.48 -13.66
N LEU A 75 44.13 3.91 -12.53
CA LEU A 75 43.10 4.49 -11.67
C LEU A 75 43.38 4.26 -10.20
N ASN A 76 42.89 5.19 -9.37
CA ASN A 76 42.84 5.04 -7.93
C ASN A 76 41.51 4.41 -7.46
N ILE A 77 41.60 3.34 -6.66
CA ILE A 77 40.48 2.50 -6.28
C ILE A 77 40.39 2.41 -4.77
N LEU A 78 39.27 2.85 -4.19
CA LEU A 78 39.03 2.72 -2.78
C LEU A 78 38.91 1.25 -2.36
N VAL A 79 39.57 0.92 -1.26
CA VAL A 79 39.63 -0.41 -0.70
C VAL A 79 38.50 -0.59 0.27
N ASP A 80 37.55 -1.45 -0.09
CA ASP A 80 36.32 -1.63 0.68
C ASP A 80 36.12 -3.07 1.10
N THR A 81 36.37 -3.36 2.37
CA THR A 81 36.11 -4.68 2.88
C THR A 81 34.60 -4.83 3.21
N GLY A 82 33.78 -3.80 2.95
CA GLY A 82 32.36 -3.85 3.22
C GLY A 82 31.44 -3.99 2.00
N SER A 83 32.00 -4.40 0.87
CA SER A 83 31.17 -4.70 -0.29
C SER A 83 31.97 -5.63 -1.16
N SER A 84 31.38 -6.08 -2.27
CA SER A 84 32.02 -7.15 -3.05
C SER A 84 32.09 -6.92 -4.55
N ASN A 85 31.84 -5.70 -5.00
CA ASN A 85 31.95 -5.39 -6.42
C ASN A 85 33.17 -4.53 -6.68
N PHE A 86 33.85 -4.82 -7.80
CA PHE A 86 34.90 -3.97 -8.37
C PHE A 86 34.27 -3.09 -9.43
N ALA A 87 34.30 -1.78 -9.20
CA ALA A 87 33.63 -0.85 -10.08
C ALA A 87 34.42 0.42 -10.29
N VAL A 88 34.39 0.91 -11.52
CA VAL A 88 35.13 2.13 -11.85
C VAL A 88 34.31 3.10 -12.67
N GLY A 89 34.49 4.39 -12.42
CA GLY A 89 33.96 5.41 -13.29
C GLY A 89 34.35 5.11 -14.73
N ALA A 90 33.37 5.15 -15.62
CA ALA A 90 33.62 4.80 -17.02
C ALA A 90 32.90 5.76 -17.94
N ALA A 91 32.60 6.93 -17.40
CA ALA A 91 31.94 7.97 -18.13
C ALA A 91 32.26 9.26 -17.38
N PRO A 92 32.29 10.39 -18.09
CA PRO A 92 32.51 11.70 -17.45
C PRO A 92 31.69 11.94 -16.18
N HIS A 93 32.28 12.60 -15.20
CA HIS A 93 31.57 13.00 -14.01
C HIS A 93 32.30 14.19 -13.40
N PRO A 94 31.56 15.16 -12.86
CA PRO A 94 32.22 16.35 -12.33
C PRO A 94 33.36 16.07 -11.33
N PHE A 95 33.25 14.99 -10.56
CA PHE A 95 34.22 14.71 -9.51
C PHE A 95 35.29 13.71 -9.92
N LEU A 96 35.27 13.25 -11.17
CA LEU A 96 36.28 12.33 -11.67
C LEU A 96 37.30 13.06 -12.52
N HIS A 97 38.58 12.87 -12.18
CA HIS A 97 39.69 13.44 -12.93
C HIS A 97 39.99 12.58 -14.14
N ARG A 98 39.55 11.32 -14.07
CA ARG A 98 39.74 10.35 -15.14
C ARG A 98 38.72 9.22 -15.01
N TYR A 99 38.63 8.36 -16.01
CA TYR A 99 37.70 7.26 -15.96
C TYR A 99 38.13 6.19 -16.93
N TYR A 100 37.55 5.02 -16.75
CA TYR A 100 37.87 3.84 -17.52
C TYR A 100 37.31 4.01 -18.91
N GLN A 101 38.14 3.82 -19.94
CA GLN A 101 37.68 3.94 -21.34
C GLN A 101 37.73 2.59 -22.03
N ARG A 102 36.59 1.92 -22.08
CA ARG A 102 36.50 0.55 -22.59
C ARG A 102 36.87 0.45 -24.07
N GLN A 103 36.64 1.55 -24.79
CA GLN A 103 36.97 1.69 -26.20
C GLN A 103 38.45 1.44 -26.45
N LEU A 104 39.27 1.94 -25.52
CA LEU A 104 40.71 1.95 -25.70
C LEU A 104 41.40 0.71 -25.19
N SER A 105 40.65 -0.31 -24.78
CA SER A 105 41.28 -1.54 -24.31
C SER A 105 40.98 -2.74 -25.19
N SER A 106 42.03 -3.36 -25.73
CA SER A 106 41.88 -4.50 -26.64
C SER A 106 41.36 -5.71 -25.92
N THR A 107 41.56 -5.72 -24.60
CA THR A 107 41.22 -6.88 -23.78
C THR A 107 39.85 -6.77 -23.10
N TYR A 108 39.20 -5.64 -23.28
CA TYR A 108 37.87 -5.48 -22.72
C TYR A 108 36.88 -6.46 -23.35
N ARG A 109 35.97 -7.02 -22.54
CA ARG A 109 34.88 -7.87 -23.03
C ARG A 109 33.58 -7.48 -22.36
N ASP A 110 32.57 -7.17 -23.17
CA ASP A 110 31.27 -6.81 -22.66
C ASP A 110 30.55 -8.03 -22.16
N LEU A 111 29.89 -7.94 -21.01
CA LEU A 111 29.14 -9.08 -20.53
C LEU A 111 27.63 -8.94 -20.84
N ARG A 112 27.25 -7.85 -21.49
CA ARG A 112 25.87 -7.66 -21.93
C ARG A 112 24.87 -7.74 -20.78
N LYS A 113 25.28 -7.22 -19.64
CA LYS A 113 24.47 -7.24 -18.44
C LYS A 113 24.74 -5.97 -17.63
N GLY A 114 23.67 -5.35 -17.12
CA GLY A 114 23.78 -4.15 -16.31
C GLY A 114 23.94 -4.50 -14.83
N VAL A 115 24.18 -3.49 -13.99
CA VAL A 115 24.39 -3.74 -12.59
C VAL A 115 24.20 -2.43 -11.84
N TYR A 116 23.75 -2.50 -10.60
CA TYR A 116 23.73 -1.32 -9.77
C TYR A 116 24.11 -1.78 -8.36
N VAL A 117 24.67 -0.89 -7.56
CA VAL A 117 24.91 -1.19 -6.15
C VAL A 117 24.46 -0.02 -5.30
N PRO A 118 23.52 -0.28 -4.38
CA PRO A 118 23.17 0.76 -3.42
C PRO A 118 24.05 0.61 -2.18
N TYR A 119 24.75 1.67 -1.79
CA TYR A 119 25.60 1.64 -0.61
C TYR A 119 24.82 2.36 0.45
N THR A 120 25.34 2.34 1.66
CA THR A 120 24.73 3.10 2.74
C THR A 120 24.82 4.57 2.40
N GLN A 121 25.94 4.96 1.79
CA GLN A 121 26.16 6.33 1.31
C GLN A 121 26.33 6.22 -0.20
N GLY A 122 25.38 6.76 -0.97
CA GLY A 122 25.47 6.74 -2.43
C GLY A 122 25.21 5.44 -3.17
N LYS A 123 25.09 5.55 -4.49
CA LYS A 123 24.72 4.40 -5.33
C LYS A 123 25.23 4.64 -6.73
N TRP A 124 25.49 3.58 -7.47
CA TRP A 124 25.82 3.77 -8.87
C TRP A 124 25.18 2.67 -9.69
N GLU A 125 25.20 2.86 -10.99
CA GLU A 125 24.71 1.82 -11.88
C GLU A 125 25.62 1.82 -13.07
N GLY A 126 25.68 0.69 -13.77
CA GLY A 126 26.53 0.62 -14.92
C GLY A 126 26.40 -0.69 -15.65
N GLU A 127 27.46 -1.00 -16.38
CA GLU A 127 27.48 -2.13 -17.29
C GLU A 127 28.59 -3.13 -16.93
N LEU A 128 28.26 -4.40 -16.79
CA LEU A 128 29.25 -5.43 -16.47
C LEU A 128 30.13 -5.81 -17.64
N GLY A 129 31.39 -6.11 -17.33
CA GLY A 129 32.37 -6.54 -18.31
C GLY A 129 33.52 -7.22 -17.59
N THR A 130 34.47 -7.74 -18.34
CA THR A 130 35.74 -8.20 -17.80
C THR A 130 36.90 -7.52 -18.50
N ASP A 131 38.07 -7.58 -17.88
CA ASP A 131 39.27 -7.00 -18.48
C ASP A 131 40.42 -7.44 -17.59
N LEU A 132 41.62 -7.02 -17.98
CA LEU A 132 42.84 -7.39 -17.28
C LEU A 132 43.16 -6.32 -16.25
N VAL A 133 43.54 -6.76 -15.07
CA VAL A 133 43.72 -5.87 -13.94
C VAL A 133 45.06 -6.13 -13.27
N SER A 134 45.80 -5.07 -12.97
CA SER A 134 47.01 -5.18 -12.16
C SER A 134 47.01 -4.23 -10.99
N ILE A 135 47.81 -4.55 -9.98
CA ILE A 135 48.08 -3.64 -8.90
C ILE A 135 49.58 -3.36 -8.93
N PRO A 136 49.99 -2.20 -9.46
CA PRO A 136 51.42 -1.88 -9.58
C PRO A 136 52.22 -2.07 -8.27
N HIS A 137 51.76 -1.49 -7.17
CA HIS A 137 52.39 -1.75 -5.87
C HIS A 137 51.67 -2.89 -5.15
N GLY A 138 51.78 -4.06 -5.75
CA GLY A 138 50.97 -5.23 -5.39
C GLY A 138 51.68 -6.47 -5.87
N PRO A 139 51.02 -7.62 -5.77
CA PRO A 139 51.72 -8.80 -6.30
C PRO A 139 51.97 -8.66 -7.79
N ASN A 140 53.02 -9.29 -8.29
CA ASN A 140 53.40 -9.12 -9.68
C ASN A 140 52.57 -10.01 -10.62
N VAL A 141 51.27 -9.71 -10.74
CA VAL A 141 50.36 -10.54 -11.51
C VAL A 141 49.28 -9.74 -12.25
N THR A 142 48.70 -10.36 -13.27
CA THR A 142 47.62 -9.75 -14.02
C THR A 142 46.50 -10.75 -14.05
N VAL A 143 45.31 -10.28 -13.71
CA VAL A 143 44.14 -11.13 -13.56
C VAL A 143 43.03 -10.65 -14.49
N ARG A 144 42.20 -11.59 -14.98
CA ARG A 144 41.01 -11.16 -15.70
C ARG A 144 39.87 -11.16 -14.70
N ALA A 145 39.32 -9.99 -14.46
CA ALA A 145 38.35 -9.82 -13.42
C ALA A 145 37.10 -9.14 -13.93
N ASN A 146 35.99 -9.44 -13.27
CA ASN A 146 34.79 -8.64 -13.45
C ASN A 146 34.99 -7.20 -13.07
N ILE A 147 34.48 -6.33 -13.92
CA ILE A 147 34.50 -4.90 -13.69
C ILE A 147 33.15 -4.30 -14.03
N ALA A 148 32.61 -3.53 -13.10
CA ALA A 148 31.42 -2.76 -13.40
C ALA A 148 31.81 -1.36 -13.84
N ALA A 149 31.51 -1.02 -15.09
CA ALA A 149 31.72 0.33 -15.61
C ALA A 149 30.60 1.25 -15.20
N ILE A 150 30.93 2.23 -14.38
CA ILE A 150 29.91 3.10 -13.85
C ILE A 150 29.60 4.17 -14.87
N THR A 151 28.32 4.21 -15.24
CA THR A 151 27.81 5.18 -16.21
C THR A 151 26.91 6.24 -15.54
N GLU A 152 26.28 5.92 -14.41
CA GLU A 152 25.54 6.94 -13.68
C GLU A 152 25.78 6.74 -12.20
N SER A 153 25.70 7.79 -11.43
CA SER A 153 25.90 7.64 -10.00
C SER A 153 25.22 8.79 -9.28
N ASP A 154 25.01 8.59 -7.98
CA ASP A 154 24.35 9.55 -7.12
C ASP A 154 25.04 9.59 -5.74
N LYS A 155 25.66 10.70 -5.40
CA LYS A 155 26.28 10.85 -4.09
C LYS A 155 27.30 9.71 -3.75
N PHE A 156 27.94 9.15 -4.78
CA PHE A 156 28.95 8.11 -4.63
C PHE A 156 30.37 8.69 -4.67
N PHE A 157 30.77 9.26 -5.80
CA PHE A 157 32.06 9.90 -5.92
C PHE A 157 32.06 11.12 -5.05
N ILE A 158 33.23 11.41 -4.48
CA ILE A 158 33.40 12.47 -3.52
C ILE A 158 34.30 13.55 -4.14
N ASN A 159 33.86 14.78 -4.04
CA ASN A 159 34.61 15.88 -4.64
C ASN A 159 36.03 15.99 -4.06
N GLY A 160 37.04 15.78 -4.89
CA GLY A 160 38.42 15.96 -4.50
C GLY A 160 39.07 14.76 -3.83
N SER A 161 38.40 13.60 -3.84
CA SER A 161 38.88 12.45 -3.06
C SER A 161 40.12 11.82 -3.66
N ASN A 162 40.28 11.99 -4.97
CA ASN A 162 41.34 11.40 -5.75
C ASN A 162 41.21 9.89 -6.01
N TRP A 163 40.03 9.31 -5.79
CA TRP A 163 39.79 7.96 -6.30
C TRP A 163 38.67 7.93 -7.34
N GLU A 164 38.74 6.97 -8.26
CA GLU A 164 37.79 6.88 -9.37
C GLU A 164 37.01 5.58 -9.41
N GLY A 165 37.13 4.76 -8.36
CA GLY A 165 36.50 3.44 -8.33
C GLY A 165 36.57 2.79 -6.94
N ILE A 166 36.13 1.55 -6.83
CA ILE A 166 35.96 0.91 -5.52
C ILE A 166 36.29 -0.57 -5.71
N LEU A 167 37.00 -1.15 -4.75
CA LEU A 167 37.38 -2.56 -4.78
C LEU A 167 36.70 -3.28 -3.64
N GLY A 168 35.60 -3.95 -3.91
CA GLY A 168 34.84 -4.58 -2.84
C GLY A 168 35.60 -5.86 -2.56
N LEU A 169 36.10 -6.03 -1.34
CA LEU A 169 36.92 -7.20 -0.99
C LEU A 169 36.15 -8.24 -0.19
N ALA A 170 34.87 -8.01 0.09
CA ALA A 170 34.09 -9.00 0.83
C ALA A 170 33.63 -10.09 -0.15
N TYR A 171 32.75 -10.97 0.29
CA TYR A 171 32.53 -12.24 -0.42
C TYR A 171 31.37 -12.18 -1.40
N ALA A 172 31.28 -13.21 -2.24
CA ALA A 172 30.33 -13.23 -3.36
C ALA A 172 28.86 -13.14 -2.95
N GLU A 173 28.55 -13.59 -1.75
CA GLU A 173 27.19 -13.58 -1.26
C GLU A 173 26.53 -12.20 -1.32
N ILE A 174 27.32 -11.11 -1.30
CA ILE A 174 26.70 -9.77 -1.31
C ILE A 174 27.11 -9.00 -2.53
N ALA A 175 27.69 -9.69 -3.48
CA ALA A 175 27.90 -9.13 -4.81
C ALA A 175 26.57 -8.79 -5.55
N ARG A 176 26.55 -7.70 -6.29
CA ARG A 176 25.44 -7.41 -7.21
C ARG A 176 25.88 -7.75 -8.64
N PRO A 177 24.93 -8.23 -9.49
CA PRO A 177 23.48 -8.40 -9.29
C PRO A 177 23.16 -9.54 -8.36
N ASP A 178 24.06 -10.52 -8.30
CA ASP A 178 23.91 -11.64 -7.41
C ASP A 178 25.28 -12.32 -7.23
N ASP A 179 25.31 -13.40 -6.44
CA ASP A 179 26.56 -14.01 -6.05
C ASP A 179 27.25 -14.78 -7.13
N SER A 180 26.75 -14.73 -8.36
CA SER A 180 27.44 -15.39 -9.48
C SER A 180 28.49 -14.47 -10.10
N LEU A 181 28.48 -13.20 -9.70
CA LEU A 181 29.52 -12.31 -10.16
C LEU A 181 30.73 -12.39 -9.22
N GLU A 182 31.71 -13.16 -9.67
CA GLU A 182 32.89 -13.42 -8.88
C GLU A 182 33.58 -12.13 -8.50
N PRO A 183 33.74 -11.88 -7.18
CA PRO A 183 34.53 -10.71 -6.75
C PRO A 183 36.01 -10.78 -7.15
N PHE A 184 36.65 -9.60 -7.21
CA PHE A 184 38.07 -9.51 -7.60
C PHE A 184 39.02 -10.42 -6.79
N PHE A 185 38.94 -10.43 -5.47
CA PHE A 185 39.95 -11.21 -4.76
C PHE A 185 39.79 -12.71 -5.07
N ASP A 186 38.56 -13.17 -5.25
CA ASP A 186 38.31 -14.56 -5.60
C ASP A 186 38.96 -14.86 -6.96
N SER A 187 38.80 -13.96 -7.93
CA SER A 187 39.44 -14.17 -9.22
C SER A 187 40.96 -14.21 -9.08
N LEU A 188 41.51 -13.30 -8.25
CA LEU A 188 42.94 -13.18 -8.06
C LEU A 188 43.54 -14.48 -7.57
N VAL A 189 42.93 -15.02 -6.53
CA VAL A 189 43.36 -16.24 -5.90
C VAL A 189 43.23 -17.44 -6.85
N LYS A 190 42.14 -17.49 -7.60
CA LYS A 190 41.86 -18.66 -8.44
C LYS A 190 42.85 -18.68 -9.57
N GLN A 191 43.16 -17.51 -10.14
CA GLN A 191 44.03 -17.40 -11.30
C GLN A 191 45.52 -17.28 -11.03
N THR A 192 45.93 -17.03 -9.79
CA THR A 192 47.35 -16.94 -9.48
C THR A 192 47.71 -17.87 -8.33
N HIS A 193 48.93 -17.70 -7.84
CA HIS A 193 49.36 -18.44 -6.65
C HIS A 193 49.35 -17.55 -5.39
N VAL A 194 48.79 -16.36 -5.48
CA VAL A 194 48.63 -15.50 -4.33
C VAL A 194 47.83 -16.22 -3.26
N PRO A 195 48.37 -16.33 -2.03
CA PRO A 195 47.62 -16.94 -0.92
C PRO A 195 46.33 -16.16 -0.56
N ASN A 196 45.36 -16.90 -0.01
CA ASN A 196 43.99 -16.41 0.16
C ASN A 196 43.87 -15.60 1.45
N LEU A 197 44.55 -14.44 1.48
CA LEU A 197 44.45 -13.53 2.61
C LEU A 197 45.08 -12.19 2.23
N PHE A 198 44.65 -11.12 2.90
CA PHE A 198 45.23 -9.81 2.73
C PHE A 198 45.16 -9.15 4.10
N SER A 199 45.95 -8.10 4.31
CA SER A 199 46.01 -7.43 5.57
C SER A 199 45.98 -5.95 5.26
N LEU A 200 45.42 -5.18 6.19
CA LEU A 200 45.21 -3.76 6.03
C LEU A 200 45.79 -3.07 7.24
N GLN A 201 46.70 -2.15 6.95
CA GLN A 201 47.25 -1.22 7.91
C GLN A 201 46.84 0.19 7.51
N LEU A 202 45.78 0.68 8.14
CA LEU A 202 45.25 2.01 7.90
C LEU A 202 45.82 2.92 8.95
N CYS A 203 46.42 4.02 8.50
CA CYS A 203 47.08 4.96 9.42
C CYS A 203 46.36 6.32 9.41
N GLY A 204 46.33 7.00 10.54
CA GLY A 204 45.65 8.28 10.62
C GLY A 204 46.50 9.36 9.98
N ALA A 205 46.33 10.60 10.44
CA ALA A 205 47.21 11.69 10.00
C ALA A 205 48.66 11.44 10.46
N GLY A 206 49.58 11.35 9.51
CA GLY A 206 51.01 11.19 9.82
C GLY A 206 51.65 9.97 9.15
N ALA A 216 44.83 16.39 7.38
CA ALA A 216 45.32 16.45 6.01
C ALA A 216 45.21 15.06 5.35
N SER A 217 46.34 14.55 4.87
CA SER A 217 46.38 13.29 4.12
C SER A 217 46.76 12.06 4.96
N VAL A 218 46.19 10.90 4.59
CA VAL A 218 46.41 9.64 5.31
C VAL A 218 47.05 8.60 4.41
N GLY A 219 47.57 7.54 5.00
CA GLY A 219 48.22 6.49 4.23
C GLY A 219 48.11 5.14 4.88
N GLY A 220 48.68 4.12 4.27
CA GLY A 220 48.63 2.84 4.90
C GLY A 220 49.14 1.80 3.94
N SER A 221 48.93 0.55 4.32
CA SER A 221 49.33 -0.56 3.48
C SER A 221 48.23 -1.62 3.35
N MET A 222 48.11 -2.11 2.13
CA MET A 222 47.34 -3.29 1.82
C MET A 222 48.30 -4.38 1.33
N ILE A 223 48.57 -5.36 2.20
CA ILE A 223 49.39 -6.51 1.86
C ILE A 223 48.55 -7.65 1.30
N ILE A 224 48.71 -7.91 0.00
CA ILE A 224 47.93 -8.89 -0.71
C ILE A 224 48.71 -10.19 -0.68
N GLY A 225 48.12 -11.19 -0.06
CA GLY A 225 48.70 -12.52 -0.01
C GLY A 225 49.44 -12.88 1.26
N GLY A 226 49.41 -12.00 2.26
CA GLY A 226 50.10 -12.34 3.47
C GLY A 226 50.14 -11.25 4.54
N ILE A 227 51.07 -11.47 5.46
CA ILE A 227 51.27 -10.70 6.67
C ILE A 227 52.71 -10.19 6.65
N ASP A 228 52.86 -8.88 6.84
CA ASP A 228 54.16 -8.24 6.89
C ASP A 228 54.44 -7.87 8.33
N HIS A 229 55.37 -8.60 8.93
CA HIS A 229 55.58 -8.50 10.35
C HIS A 229 56.23 -7.19 10.77
N SER A 230 56.74 -6.41 9.81
CA SER A 230 57.30 -5.12 10.17
C SER A 230 56.22 -4.07 10.34
N LEU A 231 54.95 -4.44 10.07
CA LEU A 231 53.85 -3.48 10.18
C LEU A 231 53.11 -3.51 11.52
N TYR A 232 53.50 -4.38 12.43
CA TYR A 232 52.83 -4.42 13.73
C TYR A 232 53.76 -4.90 14.81
N THR A 233 53.35 -4.67 16.05
CA THR A 233 54.06 -5.12 17.22
C THR A 233 53.20 -6.01 18.10
N GLY A 234 53.84 -6.80 18.95
CA GLY A 234 53.10 -7.62 19.86
C GLY A 234 52.47 -8.78 19.09
N SER A 235 51.39 -9.31 19.62
CA SER A 235 50.81 -10.53 19.09
C SER A 235 49.53 -10.25 18.27
N LEU A 236 49.27 -11.06 17.27
CA LEU A 236 48.00 -11.00 16.56
C LEU A 236 46.97 -11.79 17.35
N TRP A 237 45.76 -11.23 17.45
CA TRP A 237 44.61 -11.87 18.07
C TRP A 237 43.53 -12.04 17.06
N TYR A 238 42.96 -13.25 17.00
CA TYR A 238 42.04 -13.60 15.89
C TYR A 238 40.64 -13.84 16.39
N THR A 239 39.69 -13.33 15.62
CA THR A 239 38.26 -13.56 15.86
C THR A 239 37.69 -14.30 14.64
N PRO A 240 36.79 -15.28 14.85
CA PRO A 240 36.22 -15.98 13.69
C PRO A 240 35.43 -15.09 12.71
N ILE A 241 35.53 -15.36 11.40
CA ILE A 241 34.59 -14.79 10.45
C ILE A 241 33.32 -15.64 10.64
N ARG A 242 32.27 -15.02 11.18
CA ARG A 242 31.05 -15.78 11.52
C ARG A 242 30.40 -16.40 10.28
N ARG A 243 30.43 -15.68 9.19
CA ARG A 243 29.82 -16.14 7.95
C ARG A 243 30.45 -15.36 6.84
N GLU A 244 30.67 -16.03 5.71
CA GLU A 244 31.34 -15.39 4.58
C GLU A 244 30.42 -14.61 3.65
N TRP A 245 30.08 -13.39 4.06
CA TRP A 245 29.32 -12.49 3.23
C TRP A 245 29.96 -11.13 3.41
N TYR A 246 29.55 -10.34 4.39
CA TYR A 246 30.45 -9.33 4.98
C TYR A 246 31.59 -10.04 5.68
N TYR A 247 32.63 -9.29 6.12
CA TYR A 247 33.54 -9.80 7.13
C TYR A 247 32.87 -9.66 8.47
N GLU A 248 32.03 -10.65 8.78
CA GLU A 248 31.17 -10.61 9.97
C GLU A 248 31.85 -11.22 11.20
N VAL A 249 31.69 -10.56 12.33
CA VAL A 249 32.32 -10.96 13.56
C VAL A 249 31.32 -10.84 14.69
N ILE A 250 31.70 -11.26 15.88
CA ILE A 250 30.84 -11.16 17.04
C ILE A 250 31.53 -10.41 18.17
N ILE A 251 30.91 -9.32 18.63
CA ILE A 251 31.35 -8.55 19.78
C ILE A 251 30.69 -9.11 21.02
N VAL A 252 31.50 -9.45 22.04
CA VAL A 252 30.92 -10.13 23.20
C VAL A 252 30.88 -9.29 24.44
N ARG A 253 31.47 -8.10 24.43
CA ARG A 253 31.49 -7.24 25.57
C ARG A 253 31.96 -5.85 25.13
N VAL A 254 31.45 -4.82 25.80
CA VAL A 254 31.89 -3.47 25.56
C VAL A 254 32.10 -2.74 26.90
N GLU A 255 33.25 -2.07 27.01
CA GLU A 255 33.59 -1.28 28.16
C GLU A 255 33.98 0.12 27.72
N ILE A 256 33.61 1.11 28.54
CA ILE A 256 34.03 2.48 28.29
C ILE A 256 34.73 2.95 29.56
N ASN A 257 35.96 3.43 29.40
CA ASN A 257 36.87 3.64 30.54
C ASN A 257 36.80 2.51 31.59
N GLY A 258 36.80 1.25 31.13
CA GLY A 258 36.86 0.11 32.03
C GLY A 258 35.52 -0.27 32.64
N GLN A 259 34.48 0.46 32.27
CA GLN A 259 33.13 0.22 32.79
C GLN A 259 32.31 -0.52 31.74
N ASP A 260 31.81 -1.69 32.12
CA ASP A 260 31.04 -2.54 31.24
C ASP A 260 29.69 -1.84 30.92
N LEU A 261 29.31 -1.71 29.64
CA LEU A 261 27.99 -1.16 29.30
C LEU A 261 26.87 -2.00 29.87
N LYS A 262 27.15 -3.25 30.22
CA LYS A 262 26.17 -4.16 30.82
C LYS A 262 24.88 -4.25 29.98
N MET A 263 25.02 -4.61 28.71
CA MET A 263 23.91 -4.88 27.83
C MET A 263 23.97 -6.35 27.46
N ASP A 264 22.84 -6.93 27.10
CA ASP A 264 22.79 -8.22 26.46
C ASP A 264 23.71 -8.16 25.23
N CYS A 265 24.66 -9.06 25.14
CA CYS A 265 25.69 -8.91 24.12
C CYS A 265 25.10 -9.08 22.71
N LYS A 266 23.87 -9.61 22.64
CA LYS A 266 23.18 -9.66 21.35
C LYS A 266 22.95 -8.29 20.75
N GLU A 267 22.74 -7.30 21.61
CA GLU A 267 22.50 -5.94 21.17
C GLU A 267 23.70 -5.41 20.35
N TYR A 268 24.91 -5.83 20.75
CA TYR A 268 26.14 -5.37 20.10
C TYR A 268 26.22 -5.84 18.68
N ASN A 269 25.53 -6.93 18.41
CA ASN A 269 25.53 -7.50 17.10
C ASN A 269 24.13 -7.56 16.52
N TYR A 270 23.27 -6.65 16.95
CA TYR A 270 21.89 -6.62 16.50
C TYR A 270 21.82 -6.34 15.04
N ASP A 271 21.56 -7.43 14.36
CA ASP A 271 21.51 -7.62 12.96
C ASP A 271 22.81 -8.35 12.69
N LYS A 272 23.92 -7.65 12.85
CA LYS A 272 25.25 -8.20 12.64
C LYS A 272 26.36 -7.24 13.00
N SER A 273 27.60 -7.71 13.05
CA SER A 273 28.75 -6.81 13.21
C SER A 273 29.73 -7.10 12.09
N ILE A 274 30.24 -6.04 11.47
CA ILE A 274 31.17 -6.22 10.38
C ILE A 274 32.41 -5.34 10.52
N VAL A 275 33.46 -5.76 9.85
CA VAL A 275 34.71 -5.01 9.76
C VAL A 275 34.78 -4.41 8.37
N ASP A 276 34.74 -3.08 8.31
CA ASP A 276 34.44 -2.38 7.06
C ASP A 276 35.35 -1.17 6.80
N SER A 277 36.41 -1.34 6.01
CA SER A 277 37.31 -0.24 5.65
C SER A 277 36.67 0.83 4.76
N GLY A 278 35.54 0.51 4.13
CA GLY A 278 34.80 1.46 3.30
C GLY A 278 33.86 2.42 4.03
N THR A 279 33.67 2.24 5.32
CA THR A 279 32.85 3.15 6.15
C THR A 279 33.80 3.88 7.10
N THR A 280 33.57 5.17 7.31
CA THR A 280 34.46 5.97 8.15
C THR A 280 34.32 5.68 9.62
N ASN A 281 33.08 5.76 10.09
CA ASN A 281 32.76 5.78 11.48
C ASN A 281 32.76 4.38 12.10
N LEU A 282 32.84 4.37 13.42
CA LEU A 282 32.27 3.31 14.19
C LEU A 282 30.76 3.53 14.20
N ARG A 283 29.99 2.59 13.68
CA ARG A 283 28.53 2.72 13.65
C ARG A 283 27.93 1.64 14.55
N LEU A 284 27.01 2.05 15.41
CA LEU A 284 26.46 1.19 16.44
C LEU A 284 24.95 1.11 16.35
N PRO A 285 24.38 -0.07 16.58
CA PRO A 285 22.93 -0.17 16.66
C PRO A 285 22.35 0.84 17.64
N LYS A 286 21.11 1.25 17.39
CA LYS A 286 20.47 2.34 18.15
C LYS A 286 20.66 2.23 19.66
N LYS A 287 20.23 1.13 20.27
CA LYS A 287 20.32 0.99 21.73
C LYS A 287 21.76 1.09 22.25
N VAL A 288 22.70 0.49 21.53
CA VAL A 288 24.11 0.51 21.92
C VAL A 288 24.68 1.91 21.75
N PHE A 289 24.35 2.55 20.63
CA PHE A 289 24.80 3.90 20.37
C PHE A 289 24.36 4.84 21.49
N GLU A 290 23.12 4.68 21.93
CA GLU A 290 22.56 5.59 22.91
C GLU A 290 23.27 5.36 24.24
N ALA A 291 23.49 4.10 24.60
CA ALA A 291 24.22 3.77 25.82
C ALA A 291 25.62 4.33 25.76
N ALA A 292 26.26 4.21 24.61
CA ALA A 292 27.65 4.67 24.50
C ALA A 292 27.77 6.19 24.59
N VAL A 293 26.95 6.91 23.86
CA VAL A 293 26.98 8.37 23.90
C VAL A 293 26.70 8.90 25.32
N LYS A 294 25.77 8.27 26.01
CA LYS A 294 25.48 8.64 27.38
C LYS A 294 26.75 8.53 28.23
N SER A 295 27.44 7.42 28.09
CA SER A 295 28.64 7.22 28.85
C SER A 295 29.75 8.18 28.42
N ILE A 296 29.85 8.47 27.13
CA ILE A 296 30.89 9.40 26.69
C ILE A 296 30.55 10.86 27.08
N LYS A 297 29.28 11.25 27.05
CA LYS A 297 28.89 12.58 27.55
C LYS A 297 29.26 12.76 29.00
N ALA A 298 28.88 11.78 29.80
CA ALA A 298 29.15 11.84 31.23
C ALA A 298 30.62 11.90 31.54
N ALA A 299 31.45 11.24 30.73
CA ALA A 299 32.90 11.25 30.97
C ALA A 299 33.47 12.62 30.63
N SER A 300 32.82 13.33 29.71
CA SER A 300 33.39 14.56 29.16
C SER A 300 32.56 15.76 29.61
N SER A 301 31.70 15.56 30.60
CA SER A 301 30.72 16.57 31.05
C SER A 301 31.29 17.85 31.68
N THR A 302 32.61 17.95 31.84
CA THR A 302 33.24 19.19 32.28
C THR A 302 33.39 20.16 31.12
N GLU A 303 32.96 19.72 29.94
CA GLU A 303 32.78 20.61 28.82
C GLU A 303 31.39 20.38 28.31
N LYS A 304 30.90 21.27 27.45
CA LYS A 304 29.59 21.05 26.87
C LYS A 304 29.66 21.28 25.38
N PHE A 305 28.86 20.49 24.69
CA PHE A 305 28.90 20.44 23.26
C PHE A 305 27.46 20.46 22.77
N PRO A 306 27.24 21.23 21.69
CA PRO A 306 25.90 21.16 21.08
C PRO A 306 25.55 19.70 20.78
N ASP A 307 24.37 19.19 21.13
CA ASP A 307 24.11 17.76 20.89
C ASP A 307 24.00 17.44 19.41
N GLY A 308 24.16 18.46 18.56
CA GLY A 308 24.41 18.27 17.15
C GLY A 308 25.84 17.79 16.91
N PHE A 309 26.72 18.05 17.87
CA PHE A 309 28.05 17.48 17.80
C PHE A 309 27.96 15.97 18.01
N TRP A 310 27.14 15.55 18.96
CA TRP A 310 26.95 14.14 19.27
C TRP A 310 26.26 13.38 18.14
N LEU A 311 25.67 14.12 17.21
CA LEU A 311 24.93 13.56 16.08
C LEU A 311 25.76 13.51 14.82
N GLY A 312 27.00 13.98 14.92
CA GLY A 312 27.89 14.06 13.77
C GLY A 312 27.68 15.26 12.86
N GLU A 313 26.82 16.21 13.24
CA GLU A 313 26.51 17.34 12.36
C GLU A 313 27.52 18.48 12.50
N GLN A 314 27.85 18.87 13.73
CA GLN A 314 28.78 19.99 13.95
C GLN A 314 30.16 19.58 14.48
N LEU A 315 31.18 20.26 13.96
CA LEU A 315 32.50 20.26 14.53
C LEU A 315 32.53 20.77 15.95
N VAL A 316 33.64 20.46 16.63
CA VAL A 316 33.97 21.04 17.93
C VAL A 316 35.41 21.43 17.80
N CYS A 317 35.77 22.62 18.25
CA CYS A 317 37.12 23.12 18.03
C CYS A 317 37.75 23.58 19.34
N TRP A 318 39.08 23.43 19.41
CA TRP A 318 39.88 23.91 20.53
C TRP A 318 41.12 24.58 19.96
N GLN A 319 41.71 25.49 20.74
CA GLN A 319 42.94 26.15 20.32
C GLN A 319 43.98 25.11 20.09
N ALA A 320 44.71 25.24 18.98
CA ALA A 320 45.67 24.25 18.56
C ALA A 320 46.45 23.70 19.74
N GLY A 321 46.58 22.38 19.80
CA GLY A 321 47.39 21.73 20.84
C GLY A 321 46.78 21.70 22.23
N THR A 322 45.54 22.18 22.37
CA THR A 322 44.84 22.18 23.66
C THR A 322 43.66 21.19 23.77
N THR A 323 43.44 20.35 22.75
CA THR A 323 42.33 19.40 22.75
C THR A 323 42.42 18.60 24.03
N PRO A 324 41.34 18.58 24.82
CA PRO A 324 41.39 17.89 26.11
C PRO A 324 41.15 16.37 25.99
N TRP A 325 42.12 15.64 25.46
CA TRP A 325 41.94 14.22 25.18
C TRP A 325 41.55 13.41 26.41
N ASN A 326 42.12 13.80 27.56
CA ASN A 326 41.93 13.13 28.84
C ASN A 326 40.48 12.97 29.33
N ILE A 327 39.57 13.82 28.88
CA ILE A 327 38.18 13.76 29.33
C ILE A 327 37.30 12.84 28.47
N PHE A 328 37.87 12.40 27.35
CA PHE A 328 37.16 11.42 26.51
C PHE A 328 37.66 9.99 26.83
N PRO A 329 36.72 9.08 27.08
CA PRO A 329 37.04 7.70 27.48
C PRO A 329 37.68 6.85 26.39
N VAL A 330 38.34 5.78 26.83
CA VAL A 330 38.72 4.70 25.92
C VAL A 330 37.54 3.76 25.80
N ILE A 331 37.45 3.13 24.64
CA ILE A 331 36.41 2.15 24.34
C ILE A 331 37.04 0.83 24.01
N SER A 332 36.66 -0.17 24.76
CA SER A 332 37.14 -1.54 24.53
C SER A 332 36.05 -2.39 23.94
N LEU A 333 36.35 -2.99 22.80
CA LEU A 333 35.49 -3.94 22.17
C LEU A 333 36.10 -5.33 22.31
N TYR A 334 35.38 -6.23 22.96
CA TYR A 334 35.82 -7.60 23.13
C TYR A 334 35.23 -8.44 22.01
N LEU A 335 36.08 -9.15 21.28
CA LEU A 335 35.70 -10.04 20.20
C LEU A 335 35.87 -11.51 20.57
N MET A 336 34.96 -12.34 20.05
CA MET A 336 35.05 -13.77 20.20
C MET A 336 36.41 -14.26 19.75
N GLY A 337 37.04 -15.09 20.57
CA GLY A 337 38.35 -15.63 20.29
C GLY A 337 38.29 -16.94 19.53
N GLU A 338 39.43 -17.63 19.50
CA GLU A 338 39.57 -18.87 18.72
C GLU A 338 39.33 -20.14 19.58
N VAL A 339 39.39 -20.04 20.91
CA VAL A 339 39.18 -21.21 21.74
C VAL A 339 37.99 -21.01 22.62
N THR A 340 37.57 -22.09 23.28
CA THR A 340 36.33 -22.10 24.03
C THR A 340 36.35 -21.09 25.17
N ASN A 341 35.25 -20.39 25.31
CA ASN A 341 35.09 -19.37 26.33
C ASN A 341 36.23 -18.32 26.39
N GLN A 342 36.84 -18.02 25.26
CA GLN A 342 37.99 -17.09 25.20
C GLN A 342 37.73 -15.98 24.21
N SER A 343 38.02 -14.77 24.66
CA SER A 343 37.94 -13.55 23.87
C SER A 343 39.23 -12.71 24.01
N PHE A 344 39.32 -11.61 23.25
CA PHE A 344 40.38 -10.62 23.39
C PHE A 344 39.75 -9.25 23.22
N ARG A 345 40.45 -8.18 23.59
CA ARG A 345 39.89 -6.84 23.40
C ARG A 345 40.76 -5.96 22.55
N ILE A 346 40.11 -5.08 21.77
CA ILE A 346 40.82 -3.98 21.15
C ILE A 346 40.34 -2.72 21.84
N THR A 347 41.29 -1.87 22.18
CA THR A 347 40.99 -0.63 22.89
C THR A 347 41.24 0.53 21.97
N ILE A 348 40.23 1.38 21.87
CA ILE A 348 40.18 2.49 20.95
C ILE A 348 40.32 3.82 21.73
N LEU A 349 41.20 4.69 21.26
CA LEU A 349 41.43 5.98 21.89
C LEU A 349 40.53 7.04 21.28
N PRO A 350 40.29 8.14 22.01
CA PRO A 350 39.48 9.24 21.46
C PRO A 350 40.10 9.87 20.21
N GLN A 351 41.41 9.75 20.04
CA GLN A 351 42.05 10.20 18.82
C GLN A 351 41.60 9.43 17.58
N GLN A 352 40.92 8.31 17.80
CA GLN A 352 40.40 7.55 16.68
C GLN A 352 38.99 8.03 16.40
N TYR A 353 38.20 8.15 17.44
CA TYR A 353 36.80 8.47 17.23
C TYR A 353 36.49 9.95 17.30
N LEU A 354 37.51 10.81 17.35
CA LEU A 354 37.30 12.24 17.10
C LEU A 354 38.09 12.54 15.88
N ARG A 355 37.42 12.50 14.73
CA ARG A 355 38.13 12.56 13.46
C ARG A 355 38.52 14.02 13.20
N PRO A 356 39.81 14.28 12.98
CA PRO A 356 40.23 15.67 12.71
C PRO A 356 39.75 16.20 11.36
N VAL A 357 39.30 17.46 11.36
CA VAL A 357 38.82 18.10 10.14
C VAL A 357 39.67 19.31 9.76
N ASP A 365 43.43 26.71 15.39
CA ASP A 365 42.51 25.78 16.06
C ASP A 365 42.60 24.32 15.62
N ASP A 366 42.04 23.45 16.46
CA ASP A 366 41.94 22.02 16.15
C ASP A 366 40.48 21.63 16.23
N CYS A 367 39.94 21.21 15.10
CA CYS A 367 38.52 20.91 14.98
C CYS A 367 38.28 19.43 14.63
N TYR A 368 37.22 18.86 15.18
CA TYR A 368 36.93 17.43 15.04
C TYR A 368 35.46 17.14 14.85
N LYS A 369 35.18 16.03 14.18
CA LYS A 369 33.84 15.42 14.17
C LYS A 369 33.80 14.14 15.03
N PHE A 370 32.69 13.95 15.71
CA PHE A 370 32.37 12.73 16.41
C PHE A 370 32.14 11.63 15.40
N ALA A 371 32.99 10.60 15.46
CA ALA A 371 33.04 9.55 14.44
C ALA A 371 32.41 8.25 14.96
N ILE A 372 31.53 8.38 15.94
CA ILE A 372 30.68 7.29 16.37
C ILE A 372 29.25 7.68 16.00
N SER A 373 28.52 6.84 15.28
CA SER A 373 27.18 7.20 14.89
C SER A 373 26.25 6.03 14.86
N GLN A 374 25.00 6.30 14.58
CA GLN A 374 23.96 5.32 14.74
C GLN A 374 23.71 4.54 13.43
N SER A 375 23.30 3.30 13.60
CA SER A 375 23.06 2.39 12.50
C SER A 375 21.76 1.62 12.71
N SER A 376 21.20 1.10 11.63
CA SER A 376 20.08 0.16 11.75
C SER A 376 20.35 -1.11 10.97
N THR A 377 21.62 -1.33 10.62
CA THR A 377 22.02 -2.52 9.89
C THR A 377 23.17 -3.23 10.59
N GLY A 378 23.28 -2.99 11.89
CA GLY A 378 24.27 -3.64 12.73
C GLY A 378 25.48 -2.76 13.05
N THR A 379 26.40 -3.30 13.85
CA THR A 379 27.66 -2.60 14.11
C THR A 379 28.53 -2.60 12.85
N VAL A 380 29.10 -1.44 12.56
CA VAL A 380 30.07 -1.31 11.50
C VAL A 380 31.38 -0.80 12.14
N MET A 381 32.39 -1.66 12.16
CA MET A 381 33.70 -1.30 12.65
C MET A 381 34.45 -0.71 11.48
N GLY A 382 34.34 0.60 11.35
CA GLY A 382 34.89 1.31 10.22
C GLY A 382 36.36 1.72 10.33
N ALA A 383 36.77 2.61 9.41
CA ALA A 383 38.16 2.96 9.25
C ALA A 383 38.72 3.53 10.53
N VAL A 384 37.91 4.28 11.29
CA VAL A 384 38.52 4.89 12.47
C VAL A 384 38.77 3.87 13.60
N ILE A 385 38.07 2.73 13.57
CA ILE A 385 38.36 1.58 14.39
C ILE A 385 39.61 0.86 13.85
N MET A 386 39.69 0.65 12.54
CA MET A 386 40.82 -0.10 11.99
C MET A 386 42.16 0.68 12.07
N GLU A 387 42.08 2.01 12.14
CA GLU A 387 43.25 2.88 12.15
C GLU A 387 44.13 2.60 13.36
N GLY A 388 45.42 2.45 13.14
CA GLY A 388 46.29 2.10 14.25
C GLY A 388 46.35 0.61 14.55
N PHE A 389 45.41 -0.18 14.01
CA PHE A 389 45.52 -1.63 14.13
C PHE A 389 45.97 -2.22 12.83
N TYR A 390 46.69 -3.31 12.92
CA TYR A 390 47.03 -4.09 11.74
C TYR A 390 45.99 -5.21 11.66
N VAL A 391 45.24 -5.21 10.57
CA VAL A 391 44.06 -6.09 10.47
C VAL A 391 44.25 -7.12 9.37
N VAL A 392 44.26 -8.37 9.78
CA VAL A 392 44.50 -9.46 8.83
C VAL A 392 43.18 -10.12 8.47
N PHE A 393 42.83 -10.11 7.18
CA PHE A 393 41.63 -10.76 6.67
C PHE A 393 42.06 -12.10 6.17
N ASP A 394 42.06 -13.07 7.10
CA ASP A 394 42.55 -14.42 6.80
C ASP A 394 41.40 -15.31 6.28
N ARG A 395 41.09 -15.13 5.02
CA ARG A 395 39.99 -15.82 4.37
C ARG A 395 40.25 -17.34 4.37
N ALA A 396 41.50 -17.74 4.16
CA ALA A 396 41.86 -19.15 4.21
C ALA A 396 41.45 -19.82 5.49
N ARG A 397 41.65 -19.18 6.64
CA ARG A 397 41.33 -19.80 7.92
C ARG A 397 40.09 -19.18 8.57
N LYS A 398 39.31 -18.45 7.79
CA LYS A 398 38.05 -17.87 8.26
C LYS A 398 38.17 -17.10 9.58
N ARG A 399 39.09 -16.13 9.61
CA ARG A 399 39.34 -15.39 10.81
C ARG A 399 39.94 -14.04 10.50
N ILE A 400 39.70 -13.10 11.42
CA ILE A 400 40.20 -11.74 11.33
C ILE A 400 41.18 -11.54 12.49
N GLY A 401 42.42 -11.22 12.14
CA GLY A 401 43.46 -10.84 13.09
C GLY A 401 43.62 -9.33 13.34
N PHE A 402 43.84 -8.99 14.60
CA PHE A 402 44.11 -7.65 15.05
C PHE A 402 45.40 -7.63 15.85
N ALA A 403 46.23 -6.64 15.53
CA ALA A 403 47.42 -6.25 16.34
C ALA A 403 47.63 -4.74 16.35
N VAL A 404 48.46 -4.28 17.27
CA VAL A 404 48.83 -2.87 17.31
C VAL A 404 49.69 -2.57 16.12
N SER A 405 49.27 -1.61 15.33
CA SER A 405 50.03 -1.16 14.17
C SER A 405 51.34 -0.45 14.47
N ALA A 406 52.30 -0.55 13.56
CA ALA A 406 53.48 0.32 13.55
C ALA A 406 53.09 1.81 13.52
N CYS A 407 51.95 2.18 12.91
CA CYS A 407 51.48 3.56 12.92
C CYS A 407 50.40 3.77 13.93
N HIS A 408 50.55 3.22 15.11
CA HIS A 408 49.46 3.31 16.06
C HIS A 408 49.33 4.74 16.59
N VAL A 409 48.18 4.97 17.20
CA VAL A 409 47.76 6.29 17.64
C VAL A 409 48.32 6.54 19.05
N HIS A 410 48.93 7.70 19.25
CA HIS A 410 49.66 8.00 20.48
C HIS A 410 48.94 9.04 21.35
N ASP A 411 48.91 8.75 22.65
CA ASP A 411 48.33 9.58 23.70
C ASP A 411 49.48 9.58 24.68
N GLU A 412 49.67 10.65 25.44
CA GLU A 412 50.86 10.69 26.26
C GLU A 412 50.70 9.75 27.47
N PHE A 413 49.46 9.49 27.87
CA PHE A 413 49.22 8.63 29.04
C PHE A 413 48.35 7.36 28.77
N ARG A 414 48.01 7.08 27.50
CA ARG A 414 47.17 5.95 27.13
C ARG A 414 47.59 5.36 25.76
N THR A 415 47.40 4.05 25.59
CA THR A 415 47.70 3.39 24.32
C THR A 415 46.54 2.59 23.76
N ALA A 416 46.44 2.60 22.45
CA ALA A 416 45.61 1.61 21.80
C ALA A 416 46.26 0.24 22.06
N ALA A 417 45.43 -0.75 22.32
CA ALA A 417 45.92 -2.08 22.63
C ALA A 417 45.03 -3.17 22.03
N VAL A 418 45.65 -4.33 21.83
CA VAL A 418 45.01 -5.61 21.53
C VAL A 418 45.48 -6.54 22.63
N GLU A 419 44.57 -6.96 23.50
CA GLU A 419 44.96 -7.69 24.69
C GLU A 419 44.17 -8.97 24.85
N GLY A 420 44.81 -10.03 25.34
CA GLY A 420 44.12 -11.28 25.63
C GLY A 420 45.05 -12.19 26.37
N PRO A 421 44.59 -13.38 26.76
CA PRO A 421 43.22 -13.88 26.59
C PRO A 421 42.27 -13.37 27.65
N PHE A 422 40.98 -13.23 27.35
CA PHE A 422 39.97 -13.04 28.38
C PHE A 422 39.07 -14.26 28.37
N VAL A 423 38.45 -14.52 29.50
CA VAL A 423 37.42 -15.53 29.56
C VAL A 423 36.07 -14.84 29.46
N THR A 424 35.21 -15.38 28.61
CA THR A 424 33.83 -14.92 28.43
C THR A 424 32.94 -16.13 28.22
N LEU A 425 31.92 -16.25 29.05
CA LEU A 425 31.01 -17.40 28.98
C LEU A 425 29.92 -17.11 27.97
N ASP A 426 29.45 -18.16 27.30
CA ASP A 426 28.24 -18.10 26.48
C ASP A 426 28.35 -17.14 25.29
N MET A 427 29.51 -17.08 24.68
CA MET A 427 29.73 -16.15 23.57
C MET A 427 28.77 -16.44 22.40
N GLU A 428 28.38 -17.70 22.22
CA GLU A 428 27.44 -18.03 21.13
C GLU A 428 26.11 -17.30 21.26
N ASP A 429 25.70 -16.99 22.49
CA ASP A 429 24.50 -16.20 22.68
C ASP A 429 24.62 -14.78 22.18
N CYS A 430 25.83 -14.31 21.88
CA CYS A 430 25.97 -12.93 21.48
C CYS A 430 25.60 -12.76 20.03
N GLY A 431 25.64 -13.85 19.28
CA GLY A 431 25.31 -13.79 17.88
C GLY A 431 23.81 -13.66 17.70
N TYR A 432 23.42 -13.02 16.61
CA TYR A 432 22.04 -12.75 16.33
C TYR A 432 21.54 -13.60 15.17
N ASN A 433 20.28 -14.01 15.24
CA ASN A 433 19.70 -14.83 14.18
C ASN A 433 18.50 -14.15 13.52
N SER B 46 18.86 10.62 -15.59
CA SER B 46 19.45 10.25 -14.33
C SER B 46 18.47 9.49 -13.47
N PHE B 47 18.03 8.37 -13.99
CA PHE B 47 17.12 7.52 -13.28
C PHE B 47 17.78 6.85 -12.08
N VAL B 48 19.10 6.94 -12.00
CA VAL B 48 19.85 6.33 -10.92
C VAL B 48 19.41 6.85 -9.56
N GLU B 49 18.95 8.08 -9.49
CA GLU B 49 18.44 8.64 -8.24
C GLU B 49 17.22 7.88 -7.72
N MET B 50 16.60 7.07 -8.57
CA MET B 50 15.36 6.42 -8.18
C MET B 50 15.53 4.96 -7.94
N VAL B 51 16.72 4.45 -8.27
CA VAL B 51 17.01 3.05 -8.02
C VAL B 51 17.01 2.73 -6.53
N ASP B 52 16.43 1.59 -6.15
CA ASP B 52 16.39 1.15 -4.74
C ASP B 52 15.53 2.06 -3.83
N ASN B 53 14.56 2.75 -4.42
CA ASN B 53 13.72 3.68 -3.63
C ASN B 53 12.46 3.07 -3.01
N LEU B 54 12.33 1.74 -3.12
CA LEU B 54 11.24 1.01 -2.52
C LEU B 54 11.72 0.06 -1.43
N ARG B 55 10.88 -0.08 -0.42
CA ARG B 55 11.06 -0.97 0.70
C ARG B 55 9.74 -1.63 1.02
N GLY B 56 9.79 -2.70 1.79
CA GLY B 56 8.58 -3.28 2.29
C GLY B 56 8.81 -4.50 3.14
N LYS B 57 7.73 -5.10 3.58
CA LYS B 57 7.80 -6.39 4.26
C LYS B 57 7.05 -7.35 3.40
N SER B 58 7.57 -8.56 3.29
CA SER B 58 6.96 -9.55 2.42
C SER B 58 5.46 -9.67 2.72
N GLY B 59 4.66 -9.67 1.66
CA GLY B 59 3.23 -9.83 1.77
C GLY B 59 2.49 -8.60 2.26
N GLN B 60 3.16 -7.47 2.42
CA GLN B 60 2.54 -6.22 2.92
C GLN B 60 2.74 -5.04 2.01
N GLY B 61 3.05 -5.28 0.74
CA GLY B 61 3.27 -4.17 -0.16
C GLY B 61 4.68 -3.59 -0.20
N TYR B 62 4.85 -2.65 -1.11
CA TYR B 62 6.08 -1.94 -1.33
C TYR B 62 5.73 -0.49 -1.28
N TYR B 63 6.55 0.29 -0.59
CA TYR B 63 6.26 1.70 -0.41
C TYR B 63 7.43 2.58 -0.77
N VAL B 64 7.09 3.81 -1.08
CA VAL B 64 8.04 4.82 -1.45
C VAL B 64 7.87 5.98 -0.47
N GLU B 65 8.96 6.71 -0.23
CA GLU B 65 8.90 7.83 0.68
C GLU B 65 8.43 9.03 -0.10
N MET B 66 7.53 9.77 0.51
CA MET B 66 6.97 10.95 -0.13
C MET B 66 6.86 12.01 0.93
N THR B 67 6.74 13.25 0.50
CA THR B 67 6.36 14.31 1.44
C THR B 67 5.11 15.02 1.00
N VAL B 68 4.28 15.36 1.99
CA VAL B 68 3.10 16.16 1.76
C VAL B 68 3.17 17.35 2.69
N GLY B 69 2.85 18.52 2.15
CA GLY B 69 2.60 19.69 2.97
C GLY B 69 3.80 20.62 3.08
N SER B 70 3.56 21.80 3.66
CA SER B 70 4.56 22.84 3.89
C SER B 70 4.50 23.32 5.35
N PRO B 71 5.55 23.07 6.16
CA PRO B 71 6.78 22.37 5.82
C PRO B 71 6.49 20.91 5.45
N PRO B 72 7.37 20.28 4.66
CA PRO B 72 7.20 18.88 4.23
C PRO B 72 7.05 17.87 5.37
N GLN B 73 5.94 17.14 5.35
CA GLN B 73 5.76 16.00 6.24
C GLN B 73 6.04 14.70 5.51
N THR B 74 6.88 13.87 6.11
CA THR B 74 7.37 12.65 5.52
C THR B 74 6.50 11.46 5.86
N LEU B 75 6.15 10.68 4.84
CA LEU B 75 5.38 9.46 5.02
C LEU B 75 5.81 8.39 4.03
N ASN B 76 5.70 7.14 4.43
CA ASN B 76 5.88 6.02 3.53
C ASN B 76 4.55 5.63 2.87
N ILE B 77 4.55 5.59 1.55
CA ILE B 77 3.34 5.38 0.75
C ILE B 77 3.45 4.12 -0.11
N LEU B 78 2.56 3.16 0.16
CA LEU B 78 2.42 1.96 -0.63
C LEU B 78 2.09 2.25 -2.11
N VAL B 79 2.83 1.61 -3.00
CA VAL B 79 2.69 1.85 -4.43
C VAL B 79 1.71 0.84 -4.99
N ASP B 80 0.57 1.33 -5.50
CA ASP B 80 -0.59 0.49 -5.85
C ASP B 80 -1.01 0.72 -7.30
N THR B 81 -0.59 -0.15 -8.20
CA THR B 81 -1.03 0.02 -9.57
C THR B 81 -2.47 -0.48 -9.73
N GLY B 82 -3.10 -0.95 -8.66
CA GLY B 82 -4.46 -1.45 -8.73
C GLY B 82 -5.57 -0.61 -8.13
N SER B 83 -5.31 0.68 -7.92
CA SER B 83 -6.32 1.63 -7.46
C SER B 83 -5.84 2.97 -7.93
N SER B 84 -6.62 4.02 -7.69
CA SER B 84 -6.32 5.31 -8.29
C SER B 84 -6.46 6.49 -7.36
N ASN B 85 -6.60 6.24 -6.06
CA ASN B 85 -6.57 7.34 -5.10
C ASN B 85 -5.26 7.45 -4.35
N PHE B 86 -4.84 8.68 -4.14
CA PHE B 86 -3.76 8.99 -3.19
C PHE B 86 -4.38 9.36 -1.83
N ALA B 87 -4.06 8.54 -0.84
CA ALA B 87 -4.67 8.64 0.46
C ALA B 87 -3.62 8.39 1.55
N VAL B 88 -3.73 9.14 2.65
CA VAL B 88 -2.81 9.00 3.78
C VAL B 88 -3.55 9.02 5.14
N GLY B 89 -3.09 8.20 6.09
CA GLY B 89 -3.59 8.27 7.45
C GLY B 89 -3.51 9.74 7.85
N ALA B 90 -4.61 10.32 8.36
CA ALA B 90 -4.61 11.72 8.77
C ALA B 90 -5.24 11.88 10.16
N ALA B 91 -5.25 10.78 10.90
CA ALA B 91 -5.68 10.77 12.26
C ALA B 91 -5.06 9.56 12.91
N PRO B 92 -4.96 9.57 14.23
CA PRO B 92 -4.34 8.49 15.00
C PRO B 92 -4.95 7.13 14.74
N HIS B 93 -4.09 6.13 14.74
CA HIS B 93 -4.52 4.78 14.52
C HIS B 93 -3.51 3.90 15.22
N PRO B 94 -3.98 2.81 15.88
CA PRO B 94 -3.07 1.89 16.58
C PRO B 94 -1.83 1.51 15.78
N PHE B 95 -1.95 1.45 14.45
CA PHE B 95 -0.91 0.87 13.60
C PHE B 95 -0.13 1.94 12.85
N LEU B 96 -0.54 3.19 13.01
CA LEU B 96 0.18 4.30 12.40
C LEU B 96 1.21 4.86 13.37
N HIS B 97 2.46 5.00 12.91
CA HIS B 97 3.51 5.63 13.70
C HIS B 97 3.45 7.14 13.52
N ARG B 98 2.87 7.57 12.41
CA ARG B 98 2.73 8.99 12.13
C ARG B 98 1.60 9.17 11.15
N TYR B 99 1.16 10.41 10.98
CA TYR B 99 0.06 10.68 10.07
C TYR B 99 0.15 12.09 9.61
N TYR B 100 -0.54 12.35 8.52
CA TYR B 100 -0.66 13.67 7.95
C TYR B 100 -1.40 14.60 8.91
N GLN B 101 -0.78 15.75 9.19
CA GLN B 101 -1.35 16.75 10.09
C GLN B 101 -1.67 17.98 9.26
N ARG B 102 -2.88 17.98 8.72
CA ARG B 102 -3.30 19.01 7.77
C ARG B 102 -3.13 20.41 8.35
N GLN B 103 -3.33 20.49 9.66
CA GLN B 103 -3.28 21.73 10.42
C GLN B 103 -1.89 22.39 10.31
N LEU B 104 -0.83 21.57 10.27
CA LEU B 104 0.55 22.07 10.23
C LEU B 104 1.01 22.42 8.81
N SER B 105 0.12 22.30 7.84
CA SER B 105 0.47 22.59 6.46
C SER B 105 -0.11 23.88 5.95
N SER B 106 0.77 24.75 5.48
CA SER B 106 0.38 26.06 5.05
C SER B 106 -0.26 26.02 3.66
N THR B 107 -0.01 24.92 2.95
CA THR B 107 -0.44 24.81 1.56
C THR B 107 -1.65 23.89 1.45
N TYR B 108 -2.12 23.34 2.56
CA TYR B 108 -3.30 22.50 2.55
C TYR B 108 -4.58 23.25 2.19
N ARG B 109 -5.36 22.69 1.26
CA ARG B 109 -6.66 23.24 0.87
C ARG B 109 -7.73 22.16 1.04
N ASP B 110 -8.71 22.44 1.89
CA ASP B 110 -9.85 21.55 2.06
C ASP B 110 -10.65 21.61 0.76
N LEU B 111 -11.20 20.46 0.37
CA LEU B 111 -12.07 20.39 -0.80
C LEU B 111 -13.52 20.25 -0.34
N ARG B 112 -13.68 19.97 0.96
CA ARG B 112 -14.99 19.92 1.62
C ARG B 112 -15.95 18.88 0.99
N LYS B 113 -15.37 17.73 0.62
CA LYS B 113 -16.11 16.57 0.12
C LYS B 113 -15.55 15.31 0.80
N GLY B 114 -16.44 14.45 1.30
CA GLY B 114 -16.02 13.17 1.88
C GLY B 114 -15.56 12.20 0.80
N VAL B 115 -15.07 11.02 1.19
CA VAL B 115 -14.65 10.01 0.22
C VAL B 115 -14.50 8.67 0.91
N TYR B 116 -14.81 7.62 0.18
CA TYR B 116 -14.82 6.25 0.69
C TYR B 116 -14.18 5.37 -0.38
N VAL B 117 -13.34 4.43 0.02
CA VAL B 117 -12.77 3.48 -0.94
C VAL B 117 -12.79 2.10 -0.33
N PRO B 118 -13.59 1.20 -0.91
CA PRO B 118 -13.54 -0.18 -0.50
C PRO B 118 -12.50 -0.96 -1.34
N TYR B 119 -11.58 -1.64 -0.68
CA TYR B 119 -10.58 -2.45 -1.31
C TYR B 119 -10.99 -3.89 -1.17
N THR B 120 -10.38 -4.74 -1.98
CA THR B 120 -10.55 -6.16 -1.82
C THR B 120 -10.16 -6.56 -0.41
N GLN B 121 -9.11 -5.93 0.12
CA GLN B 121 -8.76 -6.08 1.54
C GLN B 121 -8.80 -4.71 2.20
N GLY B 122 -9.71 -4.49 3.14
CA GLY B 122 -9.74 -3.25 3.88
C GLY B 122 -10.54 -2.16 3.22
N LYS B 123 -10.82 -1.12 3.99
CA LYS B 123 -11.57 0.02 3.52
C LYS B 123 -11.24 1.23 4.37
N TRP B 124 -11.37 2.41 3.79
CA TRP B 124 -11.28 3.62 4.58
C TRP B 124 -12.21 4.69 4.08
N GLU B 125 -12.42 5.67 4.94
CA GLU B 125 -13.15 6.87 4.57
C GLU B 125 -12.31 8.01 5.02
N GLY B 126 -12.50 9.15 4.37
CA GLY B 126 -11.90 10.36 4.85
C GLY B 126 -12.39 11.58 4.10
N GLU B 127 -11.54 12.60 4.15
CA GLU B 127 -11.83 13.94 3.68
C GLU B 127 -10.86 14.30 2.57
N LEU B 128 -11.39 14.78 1.46
CA LEU B 128 -10.58 15.27 0.35
C LEU B 128 -10.08 16.67 0.54
N GLY B 129 -8.97 16.95 -0.14
CA GLY B 129 -8.27 18.20 -0.08
C GLY B 129 -7.10 18.09 -1.03
N THR B 130 -6.32 19.16 -1.15
CA THR B 130 -5.10 19.14 -1.95
C THR B 130 -3.94 19.70 -1.15
N ASP B 131 -2.73 19.43 -1.64
CA ASP B 131 -1.52 19.86 -0.97
C ASP B 131 -0.35 19.57 -1.88
N LEU B 132 0.79 20.17 -1.55
CA LEU B 132 1.98 19.99 -2.35
C LEU B 132 2.62 18.68 -1.96
N VAL B 133 3.07 17.97 -2.99
CA VAL B 133 3.56 16.62 -2.82
C VAL B 133 4.86 16.51 -3.55
N SER B 134 5.81 15.81 -2.96
CA SER B 134 7.02 15.50 -3.65
C SER B 134 7.52 14.11 -3.26
N ILE B 135 8.44 13.59 -4.06
CA ILE B 135 9.04 12.29 -3.87
C ILE B 135 10.58 12.45 -3.72
N PRO B 136 11.08 12.34 -2.49
CA PRO B 136 12.51 12.64 -2.26
C PRO B 136 13.46 11.86 -3.17
N HIS B 137 13.27 10.54 -3.34
CA HIS B 137 14.03 9.73 -4.30
C HIS B 137 13.19 9.50 -5.54
N GLY B 138 12.88 10.59 -6.19
CA GLY B 138 12.04 10.59 -7.37
C GLY B 138 12.52 11.72 -8.25
N PRO B 139 11.69 12.14 -9.20
CA PRO B 139 12.09 13.30 -9.97
C PRO B 139 12.08 14.52 -9.05
N ASN B 140 12.85 15.52 -9.42
CA ASN B 140 13.00 16.67 -8.56
C ASN B 140 11.89 17.65 -8.92
N VAL B 141 10.66 17.33 -8.52
CA VAL B 141 9.53 18.22 -8.79
C VAL B 141 8.62 18.24 -7.59
N THR B 142 7.70 19.18 -7.59
CA THR B 142 6.70 19.26 -6.55
C THR B 142 5.38 19.53 -7.23
N VAL B 143 4.36 18.76 -6.88
CA VAL B 143 3.05 18.91 -7.54
C VAL B 143 1.96 19.17 -6.53
N ARG B 144 0.96 19.92 -6.97
CA ARG B 144 -0.27 20.01 -6.19
C ARG B 144 -1.15 18.84 -6.64
N ALA B 145 -1.52 18.01 -5.69
CA ALA B 145 -2.25 16.79 -5.97
C ALA B 145 -3.42 16.67 -5.03
N ASN B 146 -4.47 15.98 -5.48
CA ASN B 146 -5.51 15.52 -4.57
C ASN B 146 -4.99 14.57 -3.55
N ILE B 147 -5.52 14.67 -2.33
CA ILE B 147 -5.14 13.80 -1.23
C ILE B 147 -6.36 13.51 -0.40
N ALA B 148 -6.59 12.23 -0.12
CA ALA B 148 -7.63 11.84 0.80
C ALA B 148 -7.01 11.62 2.19
N ALA B 149 -7.43 12.47 3.13
CA ALA B 149 -7.07 12.34 4.53
C ALA B 149 -7.92 11.28 5.19
N ILE B 150 -7.28 10.14 5.49
CA ILE B 150 -8.01 9.05 6.06
C ILE B 150 -8.30 9.32 7.52
N THR B 151 -9.59 9.34 7.86
CA THR B 151 -9.99 9.63 9.22
C THR B 151 -10.52 8.38 9.91
N GLU B 152 -10.99 7.41 9.12
CA GLU B 152 -11.49 6.16 9.69
C GLU B 152 -11.16 5.05 8.72
N SER B 153 -10.92 3.85 9.25
CA SER B 153 -10.55 2.74 8.37
C SER B 153 -10.80 1.42 9.05
N ASP B 154 -10.94 0.37 8.25
CA ASP B 154 -11.08 -0.96 8.80
C ASP B 154 -10.27 -1.95 7.97
N LYS B 155 -9.37 -2.66 8.65
CA LYS B 155 -8.56 -3.73 8.07
C LYS B 155 -7.70 -3.26 6.90
N PHE B 156 -7.31 -1.99 6.91
CA PHE B 156 -6.51 -1.41 5.84
C PHE B 156 -5.06 -1.29 6.26
N PHE B 157 -4.78 -0.42 7.22
CA PHE B 157 -3.45 -0.31 7.81
C PHE B 157 -3.05 -1.64 8.44
N ILE B 158 -1.77 -1.97 8.32
CA ILE B 158 -1.27 -3.26 8.77
C ILE B 158 -0.28 -3.01 9.89
N ASN B 159 -0.45 -3.72 10.99
CA ASN B 159 0.43 -3.52 12.13
C ASN B 159 1.89 -3.81 11.80
N GLY B 160 2.71 -2.77 11.89
CA GLY B 160 4.13 -2.92 11.69
C GLY B 160 4.59 -2.81 10.26
N SER B 161 3.70 -2.39 9.36
CA SER B 161 4.01 -2.40 7.93
C SER B 161 5.03 -1.35 7.53
N ASN B 162 5.10 -0.27 8.33
CA ASN B 162 5.89 0.92 8.08
C ASN B 162 5.37 1.85 6.98
N TRP B 163 4.18 1.62 6.42
CA TRP B 163 3.61 2.63 5.52
C TRP B 163 2.35 3.25 6.15
N GLU B 164 2.06 4.46 5.73
CA GLU B 164 1.01 5.29 6.31
C GLU B 164 -0.06 5.72 5.29
N GLY B 165 0.06 5.23 4.07
CA GLY B 165 -0.76 5.72 2.98
C GLY B 165 -0.57 4.89 1.73
N ILE B 166 -1.34 5.23 0.70
CA ILE B 166 -1.42 4.44 -0.53
C ILE B 166 -1.37 5.38 -1.70
N LEU B 167 -0.59 5.02 -2.72
CA LEU B 167 -0.51 5.79 -3.95
C LEU B 167 -1.13 5.00 -5.09
N GLY B 168 -2.41 5.26 -5.38
CA GLY B 168 -3.10 4.63 -6.51
C GLY B 168 -2.60 5.16 -7.84
N LEU B 169 -1.97 4.31 -8.64
CA LEU B 169 -1.35 4.72 -9.88
C LEU B 169 -2.20 4.36 -11.13
N ALA B 170 -3.37 3.78 -10.92
CA ALA B 170 -4.20 3.42 -12.06
C ALA B 170 -4.95 4.66 -12.51
N TYR B 171 -5.92 4.49 -13.42
CA TYR B 171 -6.49 5.63 -14.07
C TYR B 171 -7.73 6.16 -13.32
N ALA B 172 -8.10 7.38 -13.69
CA ALA B 172 -9.19 8.13 -13.09
C ALA B 172 -10.51 7.40 -13.12
N GLU B 173 -10.68 6.56 -14.13
CA GLU B 173 -11.94 5.87 -14.32
C GLU B 173 -12.36 5.07 -13.10
N ILE B 174 -11.40 4.61 -12.27
CA ILE B 174 -11.76 3.91 -11.03
C ILE B 174 -11.44 4.65 -9.76
N ALA B 175 -11.20 5.94 -9.90
CA ALA B 175 -11.06 6.82 -8.76
C ALA B 175 -12.37 7.04 -8.00
N ARG B 176 -12.26 7.18 -6.69
CA ARG B 176 -13.37 7.54 -5.83
C ARG B 176 -13.21 9.00 -5.42
N PRO B 177 -14.33 9.77 -5.39
CA PRO B 177 -15.72 9.35 -5.60
C PRO B 177 -16.09 9.13 -7.05
N ASP B 178 -15.38 9.75 -7.97
CA ASP B 178 -15.63 9.54 -9.38
C ASP B 178 -14.41 9.96 -10.21
N ASP B 179 -14.51 9.82 -11.52
CA ASP B 179 -13.37 10.06 -12.36
C ASP B 179 -13.02 11.52 -12.53
N SER B 180 -13.62 12.42 -11.75
CA SER B 180 -13.19 13.81 -11.76
C SER B 180 -12.14 14.07 -10.67
N LEU B 181 -11.94 13.12 -9.76
CA LEU B 181 -10.82 13.26 -8.83
C LEU B 181 -9.51 12.81 -9.53
N GLU B 182 -8.80 13.77 -10.11
CA GLU B 182 -7.56 13.48 -10.83
C GLU B 182 -6.54 12.69 -9.99
N PRO B 183 -6.15 11.50 -10.48
CA PRO B 183 -5.10 10.76 -9.76
C PRO B 183 -3.72 11.47 -9.76
N PHE B 184 -2.86 11.07 -8.81
CA PHE B 184 -1.56 11.71 -8.63
C PHE B 184 -0.70 11.72 -9.89
N PHE B 185 -0.57 10.57 -10.55
CA PHE B 185 0.31 10.52 -11.71
C PHE B 185 -0.14 11.43 -12.86
N ASP B 186 -1.46 11.55 -13.02
CA ASP B 186 -1.99 12.48 -14.02
C ASP B 186 -1.59 13.91 -13.64
N SER B 187 -1.72 14.26 -12.38
CA SER B 187 -1.32 15.60 -11.93
C SER B 187 0.17 15.79 -12.17
N LEU B 188 0.96 14.81 -11.74
CA LEU B 188 2.39 14.83 -11.97
C LEU B 188 2.73 15.14 -13.40
N VAL B 189 2.14 14.41 -14.34
CA VAL B 189 2.46 14.61 -15.74
C VAL B 189 1.93 15.95 -16.27
N LYS B 190 0.79 16.40 -15.75
CA LYS B 190 0.21 17.63 -16.25
C LYS B 190 1.04 18.86 -15.86
N GLN B 191 1.61 18.82 -14.66
CA GLN B 191 2.24 19.97 -14.03
C GLN B 191 3.77 20.06 -14.23
N THR B 192 4.36 19.03 -14.83
CA THR B 192 5.82 18.88 -14.97
C THR B 192 6.12 18.37 -16.34
N HIS B 193 7.39 18.10 -16.62
CA HIS B 193 7.76 17.48 -17.89
C HIS B 193 8.12 15.99 -17.72
N VAL B 194 7.73 15.37 -16.62
CA VAL B 194 7.97 13.93 -16.44
C VAL B 194 7.20 13.20 -17.54
N PRO B 195 7.88 12.36 -18.34
CA PRO B 195 7.17 11.54 -19.33
C PRO B 195 6.13 10.61 -18.70
N ASN B 196 5.17 10.23 -19.52
CA ASN B 196 3.97 9.56 -19.05
C ASN B 196 4.17 8.06 -19.01
N LEU B 197 5.09 7.65 -18.14
CA LEU B 197 5.32 6.25 -17.81
C LEU B 197 6.12 6.13 -16.53
N PHE B 198 5.97 4.97 -15.90
CA PHE B 198 6.80 4.57 -14.78
C PHE B 198 7.03 3.11 -14.92
N SER B 199 7.99 2.61 -14.16
CA SER B 199 8.38 1.21 -14.20
C SER B 199 8.68 0.75 -12.79
N LEU B 200 8.39 -0.52 -12.55
CA LEU B 200 8.45 -1.05 -11.21
C LEU B 200 9.32 -2.30 -11.25
N GLN B 201 10.31 -2.30 -10.38
CA GLN B 201 11.14 -3.43 -10.14
C GLN B 201 10.92 -3.89 -8.71
N LEU B 202 10.11 -4.91 -8.49
CA LEU B 202 9.81 -5.36 -7.14
C LEU B 202 10.64 -6.61 -6.89
N CYS B 203 11.40 -6.60 -5.80
CA CYS B 203 12.27 -7.72 -5.47
C CYS B 203 11.78 -8.51 -4.26
N GLY B 204 11.95 -9.82 -4.31
CA GLY B 204 11.74 -10.67 -3.14
C GLY B 204 12.88 -10.52 -2.13
N ALA B 205 12.98 -11.46 -1.20
CA ALA B 205 13.97 -11.32 -0.13
C ALA B 205 15.36 -11.82 -0.51
N GLY B 206 16.38 -11.34 0.21
CA GLY B 206 17.74 -11.83 0.06
C GLY B 206 18.80 -10.74 -0.03
N PHE B 207 18.37 -9.54 -0.40
CA PHE B 207 19.24 -8.38 -0.60
C PHE B 207 19.23 -7.46 0.62
N PRO B 208 20.25 -6.57 0.74
CA PRO B 208 20.23 -5.52 1.78
C PRO B 208 19.40 -4.27 1.41
N ALA B 216 11.71 -3.26 5.21
CA ALA B 216 12.43 -3.94 6.28
C ALA B 216 13.01 -5.30 5.82
N SER B 217 12.28 -6.05 4.99
CA SER B 217 12.80 -7.31 4.42
C SER B 217 12.81 -7.36 2.87
N VAL B 218 12.12 -6.44 2.17
CA VAL B 218 12.22 -6.40 0.70
C VAL B 218 12.43 -5.01 0.19
N GLY B 219 12.93 -4.90 -1.05
CA GLY B 219 13.11 -3.60 -1.67
C GLY B 219 12.80 -3.67 -3.16
N GLY B 220 13.06 -2.56 -3.84
CA GLY B 220 12.94 -2.49 -5.27
C GLY B 220 13.09 -1.08 -5.72
N SER B 221 12.62 -0.84 -6.94
CA SER B 221 12.73 0.45 -7.58
C SER B 221 11.41 0.83 -8.23
N MET B 222 11.06 2.10 -8.09
CA MET B 222 10.03 2.70 -8.92
C MET B 222 10.69 3.81 -9.68
N ILE B 223 10.89 3.63 -10.98
CA ILE B 223 11.44 4.68 -11.85
C ILE B 223 10.33 5.50 -12.46
N ILE B 224 10.17 6.74 -12.03
CA ILE B 224 9.16 7.65 -12.52
C ILE B 224 9.65 8.39 -13.74
N GLY B 225 8.97 8.19 -14.87
CA GLY B 225 9.27 8.92 -16.08
C GLY B 225 10.18 8.18 -17.07
N GLY B 226 10.44 6.91 -16.83
CA GLY B 226 11.22 6.17 -17.79
C GLY B 226 11.58 4.77 -17.36
N ILE B 227 12.56 4.24 -18.09
CA ILE B 227 13.04 2.89 -18.04
C ILE B 227 14.52 2.92 -17.67
N ASP B 228 14.95 2.21 -16.62
CA ASP B 228 16.37 2.15 -16.26
C ASP B 228 16.92 0.78 -16.66
N HIS B 229 17.87 0.77 -17.60
CA HIS B 229 18.35 -0.48 -18.17
C HIS B 229 19.16 -1.32 -17.20
N SER B 230 19.60 -0.72 -16.10
CA SER B 230 20.36 -1.49 -15.14
C SER B 230 19.43 -2.41 -14.39
N LEU B 231 18.11 -2.20 -14.50
CA LEU B 231 17.18 -2.99 -13.71
C LEU B 231 16.63 -4.24 -14.39
N TYR B 232 17.05 -4.51 -15.61
CA TYR B 232 16.58 -5.72 -16.25
C TYR B 232 17.62 -6.32 -17.18
N THR B 233 17.45 -7.58 -17.52
CA THR B 233 18.25 -8.20 -18.57
C THR B 233 17.35 -8.72 -19.66
N GLY B 234 17.95 -8.98 -20.82
CA GLY B 234 17.23 -9.53 -21.95
C GLY B 234 16.28 -8.47 -22.51
N SER B 235 15.27 -8.90 -23.23
CA SER B 235 14.42 -7.91 -23.90
C SER B 235 13.12 -7.65 -23.14
N LEU B 236 12.60 -6.45 -23.35
CA LEU B 236 11.25 -6.09 -22.94
C LEU B 236 10.26 -6.62 -23.95
N TRP B 237 9.15 -7.16 -23.42
CA TRP B 237 8.05 -7.66 -24.22
C TRP B 237 6.80 -6.96 -23.76
N TYR B 238 6.00 -6.46 -24.70
CA TYR B 238 4.88 -5.63 -24.35
C TYR B 238 3.50 -6.22 -24.66
N THR B 239 2.56 -5.96 -23.77
CA THR B 239 1.17 -6.39 -23.91
C THR B 239 0.33 -5.11 -23.92
N PRO B 240 -0.67 -5.04 -24.81
CA PRO B 240 -1.51 -3.84 -24.77
C PRO B 240 -2.27 -3.64 -23.45
N ILE B 241 -2.39 -2.39 -23.04
CA ILE B 241 -3.36 -2.04 -22.02
C ILE B 241 -4.71 -2.04 -22.73
N ARG B 242 -5.59 -2.94 -22.32
CA ARG B 242 -6.85 -3.14 -23.03
C ARG B 242 -7.78 -1.94 -22.89
N ARG B 243 -7.73 -1.33 -21.72
CA ARG B 243 -8.56 -0.20 -21.41
C ARG B 243 -7.96 0.50 -20.21
N GLU B 244 -7.99 1.82 -20.23
CA GLU B 244 -7.40 2.60 -19.16
C GLU B 244 -8.34 2.79 -17.99
N TRP B 245 -8.33 1.84 -17.07
CA TRP B 245 -9.07 2.03 -15.85
C TRP B 245 -8.17 1.38 -14.82
N TYR B 246 -8.27 0.06 -14.63
CA TYR B 246 -7.14 -0.72 -14.15
C TYR B 246 -6.08 -0.74 -15.24
N TYR B 247 -4.89 -1.26 -14.90
CA TYR B 247 -3.94 -1.71 -15.94
C TYR B 247 -4.39 -3.09 -16.35
N GLU B 248 -5.34 -3.09 -17.27
CA GLU B 248 -5.98 -4.28 -17.77
C GLU B 248 -5.28 -4.85 -18.97
N VAL B 249 -5.03 -6.16 -18.89
CA VAL B 249 -4.40 -6.92 -19.94
C VAL B 249 -5.22 -8.15 -20.34
N ILE B 250 -4.74 -8.86 -21.37
CA ILE B 250 -5.40 -10.09 -21.80
C ILE B 250 -4.47 -11.27 -21.75
N ILE B 251 -4.85 -12.27 -20.95
CA ILE B 251 -4.09 -13.51 -20.88
C ILE B 251 -4.66 -14.43 -21.96
N VAL B 252 -3.80 -15.02 -22.80
CA VAL B 252 -4.32 -15.79 -23.93
C VAL B 252 -4.07 -17.27 -23.76
N ARG B 253 -3.18 -17.65 -22.85
CA ARG B 253 -2.96 -19.07 -22.54
C ARG B 253 -2.31 -19.22 -21.21
N VAL B 254 -2.57 -20.37 -20.58
CA VAL B 254 -1.93 -20.73 -19.33
C VAL B 254 -1.45 -22.17 -19.44
N GLU B 255 -0.19 -22.36 -19.04
CA GLU B 255 0.45 -23.65 -18.94
C GLU B 255 1.03 -23.82 -17.55
N ILE B 256 0.84 -25.02 -17.02
CA ILE B 256 1.49 -25.43 -15.79
C ILE B 256 2.30 -26.67 -16.11
N ASN B 257 3.59 -26.64 -15.77
CA ASN B 257 4.47 -27.73 -16.10
C ASN B 257 4.58 -27.94 -17.62
N GLY B 258 4.56 -26.86 -18.39
CA GLY B 258 4.60 -26.95 -19.83
C GLY B 258 3.35 -27.54 -20.47
N GLN B 259 2.35 -27.87 -19.66
CA GLN B 259 1.10 -28.41 -20.17
C GLN B 259 -0.01 -27.36 -20.09
N ASP B 260 -0.64 -27.10 -21.24
CA ASP B 260 -1.69 -26.11 -21.33
C ASP B 260 -2.89 -26.52 -20.48
N LEU B 261 -3.48 -25.55 -19.79
CA LEU B 261 -4.62 -25.79 -18.92
C LEU B 261 -5.89 -26.08 -19.71
N LYS B 262 -5.85 -25.85 -21.01
CA LYS B 262 -6.97 -26.17 -21.88
C LYS B 262 -8.28 -25.63 -21.32
N MET B 263 -8.41 -24.30 -21.21
CA MET B 263 -9.71 -23.68 -20.97
C MET B 263 -9.95 -22.69 -22.08
N ASP B 264 -11.21 -22.41 -22.37
CA ASP B 264 -11.56 -21.23 -23.12
C ASP B 264 -10.78 -20.05 -22.50
N CYS B 265 -10.02 -19.32 -23.32
CA CYS B 265 -9.13 -18.28 -22.78
C CYS B 265 -9.94 -17.12 -22.22
N LYS B 266 -11.21 -17.00 -22.57
CA LYS B 266 -12.07 -16.05 -21.87
C LYS B 266 -12.10 -16.29 -20.39
N GLU B 267 -11.94 -17.54 -19.96
CA GLU B 267 -12.00 -17.86 -18.53
C GLU B 267 -10.84 -17.18 -17.75
N TYR B 268 -9.69 -17.03 -18.41
CA TYR B 268 -8.51 -16.45 -17.77
C TYR B 268 -8.75 -14.95 -17.43
N ASN B 269 -9.67 -14.31 -18.14
CA ASN B 269 -9.88 -12.88 -18.04
C ASN B 269 -11.32 -12.58 -17.65
N TYR B 270 -11.92 -13.53 -16.95
CA TYR B 270 -13.34 -13.47 -16.70
C TYR B 270 -13.59 -12.48 -15.61
N ASP B 271 -14.31 -11.47 -16.07
CA ASP B 271 -14.41 -10.14 -15.60
C ASP B 271 -13.24 -9.40 -16.24
N LYS B 272 -12.01 -9.66 -15.79
CA LYS B 272 -10.85 -8.87 -16.23
C LYS B 272 -9.57 -9.49 -15.73
N SER B 273 -8.43 -9.08 -16.32
CA SER B 273 -7.10 -9.35 -15.77
C SER B 273 -6.36 -8.03 -15.61
N ILE B 274 -5.69 -7.87 -14.48
CA ILE B 274 -5.07 -6.60 -14.15
C ILE B 274 -3.67 -6.85 -13.59
N VAL B 275 -2.80 -5.88 -13.75
CA VAL B 275 -1.45 -5.93 -13.18
C VAL B 275 -1.44 -5.06 -11.93
N ASP B 276 -1.26 -5.68 -10.77
CA ASP B 276 -1.58 -5.03 -9.49
C ASP B 276 -0.47 -5.15 -8.41
N SER B 277 0.34 -4.13 -8.30
CA SER B 277 1.39 -4.13 -7.30
C SER B 277 0.84 -4.09 -5.84
N GLY B 278 -0.44 -3.74 -5.72
CA GLY B 278 -1.05 -3.57 -4.41
C GLY B 278 -1.71 -4.83 -3.87
N THR B 279 -1.74 -5.90 -4.66
CA THR B 279 -2.20 -7.19 -4.21
C THR B 279 -1.00 -8.11 -4.10
N THR B 280 -0.97 -8.94 -3.06
CA THR B 280 0.16 -9.83 -2.85
C THR B 280 0.17 -11.00 -3.79
N ASN B 281 -0.97 -11.67 -3.91
CA ASN B 281 -1.09 -12.97 -4.58
C ASN B 281 -1.29 -12.91 -6.08
N LEU B 282 -1.03 -14.02 -6.76
CA LEU B 282 -1.68 -14.31 -8.02
C LEU B 282 -3.11 -14.81 -7.74
N ARG B 283 -4.09 -13.98 -8.09
CA ARG B 283 -5.49 -14.30 -7.89
C ARG B 283 -6.12 -14.62 -9.24
N LEU B 284 -6.90 -15.71 -9.25
CA LEU B 284 -7.44 -16.34 -10.43
C LEU B 284 -8.93 -16.51 -10.30
N PRO B 285 -9.67 -16.39 -11.42
CA PRO B 285 -11.10 -16.69 -11.31
C PRO B 285 -11.34 -18.14 -10.92
N LYS B 286 -12.46 -18.37 -10.22
CA LYS B 286 -12.80 -19.68 -9.62
C LYS B 286 -12.43 -20.89 -10.49
N LYS B 287 -12.96 -20.98 -11.71
CA LYS B 287 -12.65 -22.15 -12.56
C LYS B 287 -11.17 -22.27 -12.85
N VAL B 288 -10.50 -21.13 -13.02
CA VAL B 288 -9.09 -21.14 -13.36
C VAL B 288 -8.34 -21.58 -12.12
N PHE B 289 -8.70 -21.04 -10.97
CA PHE B 289 -8.01 -21.40 -9.75
C PHE B 289 -8.07 -22.91 -9.49
N GLU B 290 -9.27 -23.46 -9.58
CA GLU B 290 -9.47 -24.87 -9.28
C GLU B 290 -8.67 -25.74 -10.25
N ALA B 291 -8.76 -25.42 -11.54
CA ALA B 291 -7.96 -26.08 -12.56
C ALA B 291 -6.47 -25.99 -12.23
N ALA B 292 -6.02 -24.85 -11.72
CA ALA B 292 -4.58 -24.63 -11.53
C ALA B 292 -4.08 -25.39 -10.31
N VAL B 293 -4.91 -25.43 -9.28
CA VAL B 293 -4.56 -26.16 -8.08
C VAL B 293 -4.48 -27.65 -8.41
N LYS B 294 -5.45 -28.14 -9.18
CA LYS B 294 -5.44 -29.52 -9.61
C LYS B 294 -4.14 -29.87 -10.34
N SER B 295 -3.74 -29.02 -11.29
CA SER B 295 -2.51 -29.28 -12.03
C SER B 295 -1.29 -29.19 -11.12
N ILE B 296 -1.28 -28.21 -10.22
CA ILE B 296 -0.11 -28.01 -9.38
C ILE B 296 -0.01 -29.19 -8.40
N LYS B 297 -1.15 -29.65 -7.89
CA LYS B 297 -1.17 -30.83 -7.00
C LYS B 297 -0.43 -32.00 -7.65
N ALA B 298 -0.81 -32.30 -8.89
CA ALA B 298 -0.21 -33.39 -9.66
C ALA B 298 1.32 -33.34 -9.75
N ALA B 299 1.86 -32.20 -10.19
CA ALA B 299 3.28 -32.12 -10.42
C ALA B 299 4.05 -32.26 -9.13
N SER B 300 3.40 -31.94 -8.01
CA SER B 300 4.03 -32.04 -6.69
C SER B 300 3.43 -33.19 -5.86
N SER B 301 3.01 -34.25 -6.55
CA SER B 301 2.50 -35.47 -5.92
C SER B 301 3.45 -36.01 -4.84
N THR B 302 4.74 -36.00 -5.15
CA THR B 302 5.78 -36.51 -4.26
C THR B 302 5.58 -36.19 -2.77
N GLU B 303 4.79 -35.16 -2.48
CA GLU B 303 4.34 -34.89 -1.13
C GLU B 303 2.86 -34.53 -1.15
N LYS B 304 2.19 -34.73 -0.02
CA LYS B 304 0.82 -34.24 0.16
C LYS B 304 0.82 -33.19 1.24
N PHE B 305 -0.06 -32.20 1.07
CA PHE B 305 -0.15 -31.06 1.99
C PHE B 305 -1.61 -30.91 2.37
N PRO B 306 -1.88 -30.41 3.60
CA PRO B 306 -3.27 -30.16 4.01
C PRO B 306 -4.04 -29.37 2.95
N ASP B 307 -5.29 -29.71 2.68
CA ASP B 307 -6.07 -28.92 1.73
C ASP B 307 -6.20 -27.46 2.20
N GLY B 308 -5.80 -27.20 3.44
CA GLY B 308 -5.76 -25.86 3.98
C GLY B 308 -4.54 -25.08 3.49
N PHE B 309 -3.48 -25.79 3.15
CA PHE B 309 -2.33 -25.15 2.55
C PHE B 309 -2.70 -24.62 1.17
N TRP B 310 -3.49 -25.42 0.45
CA TRP B 310 -3.90 -25.05 -0.89
C TRP B 310 -4.92 -23.93 -0.91
N LEU B 311 -5.52 -23.64 0.24
CA LEU B 311 -6.51 -22.58 0.35
C LEU B 311 -5.94 -21.32 1.00
N GLY B 312 -4.63 -21.28 1.21
CA GLY B 312 -3.99 -20.07 1.70
C GLY B 312 -4.08 -19.87 3.20
N GLU B 313 -4.55 -20.91 3.88
CA GLU B 313 -4.86 -20.83 5.32
C GLU B 313 -3.74 -21.44 6.20
N GLN B 314 -2.99 -22.39 5.63
CA GLN B 314 -1.98 -23.12 6.38
C GLN B 314 -0.60 -22.93 5.80
N LEU B 315 0.39 -22.77 6.66
CA LEU B 315 1.78 -22.82 6.22
C LEU B 315 2.20 -24.24 5.92
N VAL B 316 3.41 -24.38 5.38
CA VAL B 316 4.12 -25.65 5.30
C VAL B 316 5.55 -25.27 5.54
N CYS B 317 6.33 -26.16 6.13
CA CYS B 317 7.71 -25.82 6.43
C CYS B 317 8.61 -26.99 6.15
N TRP B 318 9.88 -26.69 5.94
CA TRP B 318 10.87 -27.72 5.70
C TRP B 318 12.09 -27.41 6.55
N GLN B 319 12.89 -28.44 6.79
CA GLN B 319 14.18 -28.25 7.39
C GLN B 319 14.86 -27.17 6.56
N ALA B 320 15.19 -26.05 7.19
CA ALA B 320 15.80 -24.91 6.51
C ALA B 320 16.80 -25.33 5.44
N GLY B 321 16.76 -24.65 4.30
CA GLY B 321 17.63 -24.97 3.18
C GLY B 321 17.22 -26.20 2.37
N THR B 322 16.22 -26.96 2.83
CA THR B 322 15.84 -28.20 2.13
C THR B 322 14.49 -28.13 1.40
N THR B 323 13.95 -26.92 1.19
CA THR B 323 12.68 -26.74 0.45
C THR B 323 12.79 -27.49 -0.88
N PRO B 324 11.81 -28.36 -1.18
CA PRO B 324 11.86 -29.17 -2.41
C PRO B 324 11.35 -28.43 -3.66
N TRP B 325 11.99 -27.32 -4.01
CA TRP B 325 11.56 -26.51 -5.14
C TRP B 325 11.25 -27.36 -6.35
N ASN B 326 12.03 -28.42 -6.54
CA ASN B 326 11.99 -29.16 -7.79
C ASN B 326 10.69 -29.93 -7.99
N ILE B 327 9.93 -30.17 -6.93
CA ILE B 327 8.69 -30.92 -7.09
C ILE B 327 7.55 -30.01 -7.50
N PHE B 328 7.82 -28.70 -7.53
CA PHE B 328 6.80 -27.71 -7.88
C PHE B 328 6.97 -27.19 -9.32
N PRO B 329 5.88 -27.17 -10.11
CA PRO B 329 5.97 -26.79 -11.53
C PRO B 329 6.12 -25.27 -11.78
N VAL B 330 6.61 -24.93 -12.96
CA VAL B 330 6.60 -23.55 -13.41
C VAL B 330 5.23 -23.22 -13.98
N ILE B 331 4.80 -21.98 -13.78
CA ILE B 331 3.57 -21.52 -14.40
C ILE B 331 3.91 -20.52 -15.48
N SER B 332 3.25 -20.67 -16.61
CA SER B 332 3.46 -19.79 -17.74
C SER B 332 2.18 -19.10 -18.10
N LEU B 333 2.20 -17.78 -18.01
CA LEU B 333 1.12 -16.94 -18.49
C LEU B 333 1.51 -16.31 -19.81
N TYR B 334 0.74 -16.60 -20.84
CA TYR B 334 0.90 -15.99 -22.12
C TYR B 334 0.02 -14.75 -22.24
N LEU B 335 0.64 -13.63 -22.63
CA LEU B 335 -0.04 -12.36 -22.81
C LEU B 335 -0.10 -11.97 -24.29
N MET B 336 -1.20 -11.32 -24.66
CA MET B 336 -1.33 -10.69 -25.98
C MET B 336 -0.16 -9.79 -26.28
N GLY B 337 0.34 -9.87 -27.50
CA GLY B 337 1.50 -9.12 -27.88
C GLY B 337 1.15 -7.90 -28.70
N GLU B 338 2.14 -7.39 -29.41
CA GLU B 338 2.04 -6.10 -30.08
C GLU B 338 1.77 -6.21 -31.58
N VAL B 339 2.10 -7.35 -32.20
CA VAL B 339 1.82 -7.54 -33.62
C VAL B 339 0.81 -8.69 -33.81
N THR B 340 0.29 -8.79 -35.02
CA THR B 340 -0.81 -9.72 -35.31
C THR B 340 -0.52 -11.21 -34.99
N ASN B 341 -1.47 -11.85 -34.32
CA ASN B 341 -1.33 -13.26 -33.91
C ASN B 341 -0.07 -13.57 -33.11
N GLN B 342 0.45 -12.59 -32.37
CA GLN B 342 1.68 -12.76 -31.64
C GLN B 342 1.45 -12.53 -30.14
N SER B 343 2.00 -13.45 -29.35
CA SER B 343 1.99 -13.41 -27.91
C SER B 343 3.40 -13.60 -27.36
N PHE B 344 3.52 -13.50 -26.04
CA PHE B 344 4.75 -13.87 -25.34
C PHE B 344 4.34 -14.48 -24.01
N ARG B 345 5.27 -15.06 -23.26
CA ARG B 345 4.90 -15.64 -21.97
C ARG B 345 5.86 -15.15 -20.92
N ILE B 346 5.31 -15.01 -19.73
CA ILE B 346 6.11 -14.83 -18.54
C ILE B 346 5.96 -16.12 -17.74
N THR B 347 7.07 -16.58 -17.17
CA THR B 347 7.08 -17.85 -16.47
C THR B 347 7.46 -17.64 -15.03
N ILE B 348 6.66 -18.15 -14.10
CA ILE B 348 6.96 -17.88 -12.69
C ILE B 348 7.34 -19.16 -11.96
N LEU B 349 8.22 -19.00 -10.98
CA LEU B 349 8.75 -20.11 -10.23
C LEU B 349 7.97 -20.29 -8.93
N PRO B 350 8.03 -21.49 -8.34
CA PRO B 350 7.47 -21.68 -7.00
C PRO B 350 8.16 -20.75 -6.00
N GLN B 351 9.41 -20.41 -6.26
CA GLN B 351 10.03 -19.38 -5.46
C GLN B 351 9.21 -18.08 -5.44
N GLN B 352 8.34 -17.90 -6.42
CA GLN B 352 7.43 -16.75 -6.41
C GLN B 352 6.07 -17.08 -5.79
N TYR B 353 5.46 -18.20 -6.16
CA TYR B 353 4.10 -18.47 -5.73
C TYR B 353 3.99 -19.29 -4.43
N LEU B 354 5.14 -19.55 -3.80
CA LEU B 354 5.21 -19.96 -2.38
C LEU B 354 5.85 -18.83 -1.61
N ARG B 355 5.01 -18.01 -0.97
CA ARG B 355 5.49 -16.82 -0.31
C ARG B 355 6.03 -17.19 1.08
N PRO B 356 7.23 -16.70 1.42
CA PRO B 356 7.81 -17.03 2.73
C PRO B 356 7.18 -16.26 3.88
N VAL B 357 7.03 -16.90 5.05
CA VAL B 357 6.47 -16.25 6.23
C VAL B 357 7.46 -16.29 7.40
N ASP B 366 12.34 -22.90 7.54
CA ASP B 366 11.78 -22.15 6.40
C ASP B 366 10.32 -22.53 6.13
N CYS B 367 9.42 -21.57 6.28
CA CYS B 367 7.99 -21.80 6.09
C CYS B 367 7.38 -20.89 4.99
N TYR B 368 6.31 -21.37 4.38
CA TYR B 368 5.70 -20.71 3.22
C TYR B 368 4.17 -20.75 3.25
N LYS B 369 3.56 -19.76 2.61
CA LYS B 369 2.14 -19.81 2.30
C LYS B 369 1.96 -19.93 0.79
N PHE B 370 0.99 -20.74 0.37
CA PHE B 370 0.60 -20.80 -1.05
C PHE B 370 0.06 -19.44 -1.45
N ALA B 371 0.65 -18.83 -2.47
CA ALA B 371 0.34 -17.44 -2.83
C ALA B 371 -0.48 -17.34 -4.13
N ILE B 372 -1.24 -18.38 -4.44
CA ILE B 372 -2.19 -18.37 -5.53
C ILE B 372 -3.55 -18.57 -4.86
N SER B 373 -4.53 -17.73 -5.21
CA SER B 373 -5.82 -17.81 -4.54
C SER B 373 -6.95 -17.43 -5.46
N GLN B 374 -8.16 -17.55 -4.93
CA GLN B 374 -9.34 -17.47 -5.73
C GLN B 374 -9.85 -16.05 -5.75
N SER B 375 -10.49 -15.67 -6.85
CA SER B 375 -11.03 -14.33 -7.01
C SER B 375 -12.40 -14.39 -7.63
N SER B 376 -13.25 -13.42 -7.33
CA SER B 376 -14.51 -13.29 -8.01
C SER B 376 -14.53 -12.04 -8.87
N THR B 377 -13.41 -11.29 -8.92
CA THR B 377 -13.32 -10.03 -9.70
C THR B 377 -12.24 -10.07 -10.80
N GLY B 378 -11.87 -11.28 -11.19
CA GLY B 378 -11.02 -11.47 -12.35
C GLY B 378 -9.61 -11.81 -11.92
N THR B 379 -8.70 -11.99 -12.88
CA THR B 379 -7.31 -12.25 -12.54
C THR B 379 -6.62 -11.00 -12.01
N VAL B 380 -5.84 -11.18 -10.94
CA VAL B 380 -5.01 -10.14 -10.40
C VAL B 380 -3.58 -10.67 -10.45
N MET B 381 -2.74 -10.03 -11.27
CA MET B 381 -1.31 -10.37 -11.28
C MET B 381 -0.64 -9.52 -10.25
N GLY B 382 -0.54 -10.07 -9.03
CA GLY B 382 -0.03 -9.34 -7.91
C GLY B 382 1.48 -9.32 -7.78
N ALA B 383 1.97 -8.81 -6.64
CA ALA B 383 3.41 -8.70 -6.36
C ALA B 383 4.15 -10.01 -6.59
N VAL B 384 3.48 -11.10 -6.32
CA VAL B 384 4.08 -12.41 -6.49
C VAL B 384 4.49 -12.69 -7.95
N ILE B 385 3.66 -12.20 -8.85
CA ILE B 385 3.93 -12.27 -10.25
C ILE B 385 4.97 -11.24 -10.64
N MET B 386 4.79 -10.02 -10.18
CA MET B 386 5.66 -8.92 -10.61
C MET B 386 7.10 -9.05 -10.14
N GLU B 387 7.31 -9.71 -9.01
CA GLU B 387 8.63 -9.92 -8.42
C GLU B 387 9.70 -10.54 -9.37
N GLY B 388 9.33 -11.47 -10.22
CA GLY B 388 10.29 -11.89 -11.27
C GLY B 388 10.85 -10.79 -12.20
N PHE B 389 10.15 -9.68 -12.30
CA PHE B 389 10.21 -8.89 -13.54
C PHE B 389 10.40 -7.41 -13.36
N TYR B 390 10.95 -6.80 -14.39
CA TYR B 390 10.90 -5.38 -14.56
C TYR B 390 9.65 -5.08 -15.39
N VAL B 391 8.72 -4.32 -14.81
CA VAL B 391 7.40 -4.09 -15.37
C VAL B 391 7.24 -2.63 -15.70
N VAL B 392 7.10 -2.34 -16.99
CA VAL B 392 6.99 -0.98 -17.49
C VAL B 392 5.53 -0.61 -17.78
N PHE B 393 5.05 0.37 -17.02
CA PHE B 393 3.72 0.89 -17.18
C PHE B 393 3.76 2.05 -18.17
N ASP B 394 3.69 1.70 -19.46
CA ASP B 394 3.89 2.68 -20.53
C ASP B 394 2.58 3.33 -20.90
N ARG B 395 2.18 4.29 -20.10
CA ARG B 395 0.90 4.94 -20.27
C ARG B 395 0.85 5.67 -21.62
N ALA B 396 1.94 6.30 -22.01
CA ALA B 396 1.98 7.06 -23.27
C ALA B 396 1.63 6.19 -24.48
N ARG B 397 2.09 4.94 -24.47
CA ARG B 397 1.91 4.06 -25.60
C ARG B 397 0.90 2.96 -25.29
N LYS B 398 0.17 3.11 -24.20
CA LYS B 398 -0.87 2.17 -23.82
C LYS B 398 -0.45 0.71 -23.78
N ARG B 399 0.61 0.42 -23.05
CA ARG B 399 1.16 -0.90 -23.02
C ARG B 399 1.97 -1.16 -21.76
N ILE B 400 2.07 -2.44 -21.40
CA ILE B 400 2.78 -2.90 -20.24
C ILE B 400 3.89 -3.77 -20.73
N GLY B 401 5.15 -3.42 -20.40
CA GLY B 401 6.28 -4.25 -20.72
C GLY B 401 6.77 -5.10 -19.55
N PHE B 402 7.28 -6.29 -19.87
CA PHE B 402 7.82 -7.26 -18.90
C PHE B 402 9.22 -7.64 -19.39
N ALA B 403 10.20 -7.57 -18.49
CA ALA B 403 11.53 -8.07 -18.73
C ALA B 403 11.99 -8.82 -17.47
N VAL B 404 12.90 -9.76 -17.65
CA VAL B 404 13.54 -10.40 -16.49
C VAL B 404 14.25 -9.33 -15.65
N SER B 405 14.00 -9.35 -14.37
CA SER B 405 14.52 -8.36 -13.43
C SER B 405 16.02 -8.53 -13.06
N ALA B 406 16.73 -7.44 -12.81
CA ALA B 406 18.06 -7.50 -12.22
C ALA B 406 18.09 -8.20 -10.85
N CYS B 407 16.93 -8.38 -10.22
CA CYS B 407 16.82 -9.19 -9.01
C CYS B 407 15.97 -10.40 -9.37
N HIS B 408 16.34 -11.08 -10.45
CA HIS B 408 15.46 -12.10 -11.01
C HIS B 408 15.34 -13.29 -10.09
N VAL B 409 14.19 -13.93 -10.17
CA VAL B 409 13.89 -15.08 -9.37
C VAL B 409 14.55 -16.27 -10.05
N HIS B 410 15.44 -16.93 -9.31
CA HIS B 410 16.14 -18.10 -9.84
C HIS B 410 16.79 -18.93 -8.74
N ASP B 411 16.75 -20.24 -8.94
CA ASP B 411 17.60 -21.17 -8.21
C ASP B 411 18.70 -21.61 -9.17
N GLU B 412 19.33 -22.74 -8.91
CA GLU B 412 20.44 -23.15 -9.76
C GLU B 412 19.93 -24.00 -10.93
N PHE B 413 18.73 -24.55 -10.80
CA PHE B 413 18.14 -25.38 -11.84
C PHE B 413 17.22 -24.64 -12.83
N ARG B 414 16.52 -23.61 -12.35
CA ARG B 414 15.49 -22.92 -13.14
C ARG B 414 15.52 -21.41 -12.96
N THR B 415 14.95 -20.70 -13.92
CA THR B 415 14.88 -19.24 -13.86
C THR B 415 13.54 -18.72 -14.36
N ALA B 416 13.08 -17.62 -13.77
CA ALA B 416 11.94 -16.88 -14.30
C ALA B 416 12.34 -16.31 -15.66
N ALA B 417 11.37 -16.15 -16.54
CA ALA B 417 11.65 -15.70 -17.90
C ALA B 417 10.50 -14.97 -18.54
N VAL B 418 10.88 -14.21 -19.57
CA VAL B 418 10.00 -13.57 -20.51
C VAL B 418 10.47 -13.99 -21.89
N GLU B 419 9.62 -14.74 -22.58
CA GLU B 419 10.05 -15.41 -23.80
C GLU B 419 9.00 -15.14 -24.86
N GLY B 420 9.48 -14.99 -26.08
CA GLY B 420 8.64 -14.83 -27.24
C GLY B 420 9.50 -14.83 -28.49
N PRO B 421 8.89 -14.66 -29.66
CA PRO B 421 7.45 -14.56 -29.84
C PRO B 421 6.82 -15.94 -29.88
N PHE B 422 5.52 -15.95 -29.63
CA PHE B 422 4.69 -17.13 -29.85
C PHE B 422 3.56 -16.73 -30.74
N VAL B 423 2.91 -17.72 -31.34
CA VAL B 423 1.75 -17.46 -32.17
C VAL B 423 0.49 -17.89 -31.45
N THR B 424 -0.52 -17.02 -31.48
CA THR B 424 -1.81 -17.28 -30.81
C THR B 424 -2.87 -16.65 -31.68
N LEU B 425 -3.84 -17.45 -32.11
CA LEU B 425 -4.93 -16.95 -32.95
C LEU B 425 -6.06 -16.37 -32.08
N ASP B 426 -6.80 -15.42 -32.65
CA ASP B 426 -8.00 -14.88 -32.00
C ASP B 426 -7.81 -14.28 -30.63
N MET B 427 -6.72 -13.58 -30.42
CA MET B 427 -6.32 -13.16 -29.08
C MET B 427 -7.38 -12.24 -28.46
N GLU B 428 -7.94 -11.36 -29.27
CA GLU B 428 -8.95 -10.41 -28.84
C GLU B 428 -10.16 -11.10 -28.23
N ASP B 429 -10.59 -12.23 -28.82
CA ASP B 429 -11.69 -13.03 -28.26
C ASP B 429 -11.43 -13.55 -26.86
N CYS B 430 -10.19 -13.52 -26.38
CA CYS B 430 -9.91 -13.96 -25.04
C CYS B 430 -10.39 -12.93 -24.06
N GLY B 431 -10.60 -11.71 -24.54
CA GLY B 431 -11.11 -10.62 -23.74
C GLY B 431 -12.58 -10.79 -23.40
N TYR B 432 -12.94 -10.49 -22.17
CA TYR B 432 -14.30 -10.64 -21.69
C TYR B 432 -15.05 -9.33 -21.83
N ASN B 433 -16.31 -9.40 -22.29
CA ASN B 433 -17.15 -8.20 -22.51
C ASN B 433 -18.29 -8.03 -21.51
N PHE C 47 -18.08 3.51 11.95
CA PHE C 47 -19.20 3.33 11.04
C PHE C 47 -18.75 3.02 9.64
N VAL C 48 -17.47 3.14 9.40
CA VAL C 48 -16.93 2.93 8.09
C VAL C 48 -17.28 1.54 7.57
N GLU C 49 -17.44 0.57 8.47
CA GLU C 49 -17.81 -0.81 8.11
C GLU C 49 -19.22 -0.92 7.50
N MET C 50 -20.02 0.15 7.64
CA MET C 50 -21.41 0.10 7.23
C MET C 50 -21.61 0.91 5.96
N VAL C 51 -20.61 1.70 5.58
CA VAL C 51 -20.72 2.51 4.37
C VAL C 51 -20.92 1.56 3.19
N ASP C 52 -21.81 1.94 2.29
CA ASP C 52 -22.00 1.23 1.04
C ASP C 52 -22.60 -0.16 1.22
N ASN C 53 -23.33 -0.38 2.31
CA ASN C 53 -23.93 -1.70 2.58
C ASN C 53 -25.32 -1.90 1.95
N LEU C 54 -25.73 -0.99 1.08
CA LEU C 54 -27.02 -1.14 0.39
C LEU C 54 -26.84 -1.31 -1.10
N ARG C 55 -27.67 -2.17 -1.68
CA ARG C 55 -27.69 -2.38 -3.12
C ARG C 55 -29.11 -2.38 -3.56
N GLY C 56 -29.32 -2.24 -4.85
CA GLY C 56 -30.63 -2.43 -5.43
C GLY C 56 -30.66 -2.21 -6.93
N LYS C 57 -31.82 -2.49 -7.50
CA LYS C 57 -32.15 -2.07 -8.85
C LYS C 57 -33.09 -0.88 -8.75
N SER C 58 -32.90 0.05 -9.67
CA SER C 58 -33.67 1.27 -9.65
C SER C 58 -35.18 0.97 -9.62
N GLY C 59 -35.91 1.68 -8.75
CA GLY C 59 -37.34 1.53 -8.64
C GLY C 59 -37.81 0.26 -7.95
N GLN C 60 -36.87 -0.57 -7.50
CA GLN C 60 -37.21 -1.82 -6.86
C GLN C 60 -36.67 -1.89 -5.43
N GLY C 61 -36.37 -0.74 -4.84
CA GLY C 61 -35.94 -0.71 -3.45
C GLY C 61 -34.45 -0.87 -3.24
N TYR C 62 -34.06 -0.72 -1.98
CA TYR C 62 -32.68 -0.87 -1.54
C TYR C 62 -32.68 -1.96 -0.46
N TYR C 63 -31.74 -2.88 -0.55
CA TYR C 63 -31.65 -3.95 0.43
C TYR C 63 -30.30 -4.01 1.11
N VAL C 64 -30.34 -4.59 2.31
CA VAL C 64 -29.19 -4.86 3.12
C VAL C 64 -29.10 -6.37 3.28
N GLU C 65 -27.87 -6.86 3.38
CA GLU C 65 -27.65 -8.26 3.71
C GLU C 65 -27.87 -8.54 5.17
N MET C 66 -28.60 -9.61 5.43
CA MET C 66 -28.83 -10.07 6.79
C MET C 66 -28.68 -11.58 6.84
N THR C 67 -28.48 -12.08 8.05
CA THR C 67 -28.55 -13.53 8.25
C THR C 67 -29.58 -13.84 9.29
N VAL C 68 -30.33 -14.91 9.07
CA VAL C 68 -31.26 -15.38 10.08
C VAL C 68 -30.99 -16.84 10.42
N GLY C 69 -31.17 -17.15 11.71
CA GLY C 69 -31.11 -18.53 12.16
C GLY C 69 -29.71 -19.05 12.48
N SER C 70 -29.67 -20.32 12.87
CA SER C 70 -28.46 -20.99 13.31
C SER C 70 -28.37 -22.40 12.72
N PRO C 71 -27.42 -22.66 11.81
CA PRO C 71 -26.41 -21.75 11.27
C PRO C 71 -27.06 -20.64 10.46
N PRO C 72 -26.34 -19.53 10.25
CA PRO C 72 -26.92 -18.36 9.58
C PRO C 72 -27.25 -18.60 8.12
N GLN C 73 -28.50 -18.33 7.76
CA GLN C 73 -28.91 -18.28 6.35
C GLN C 73 -28.87 -16.83 5.89
N THR C 74 -28.18 -16.60 4.78
CA THR C 74 -27.99 -15.26 4.28
C THR C 74 -29.14 -14.87 3.34
N LEU C 75 -29.73 -13.71 3.62
CA LEU C 75 -30.80 -13.18 2.79
C LEU C 75 -30.58 -11.71 2.55
N ASN C 76 -31.01 -11.24 1.38
CA ASN C 76 -31.09 -9.80 1.11
C ASN C 76 -32.46 -9.20 1.48
N ILE C 77 -32.46 -8.15 2.30
CA ILE C 77 -33.67 -7.61 2.90
C ILE C 77 -33.87 -6.14 2.52
N LEU C 78 -35.02 -5.84 1.94
CA LEU C 78 -35.35 -4.45 1.57
C LEU C 78 -35.55 -3.62 2.83
N VAL C 79 -34.99 -2.44 2.80
CA VAL C 79 -34.96 -1.53 3.92
C VAL C 79 -36.14 -0.55 3.78
N ASP C 80 -37.13 -0.69 4.67
CA ASP C 80 -38.44 -0.03 4.56
C ASP C 80 -38.77 0.82 5.76
N THR C 81 -38.49 2.12 5.68
CA THR C 81 -38.91 3.01 6.77
C THR C 81 -40.45 3.28 6.73
N GLY C 82 -41.19 2.65 5.82
CA GLY C 82 -42.63 2.85 5.73
C GLY C 82 -43.50 1.69 6.20
N SER C 83 -42.95 0.79 6.99
CA SER C 83 -43.70 -0.33 7.56
C SER C 83 -42.89 -0.82 8.77
N SER C 84 -43.39 -1.81 9.50
CA SER C 84 -42.75 -2.17 10.78
C SER C 84 -42.65 -3.67 11.03
N ASN C 85 -42.98 -4.46 10.03
CA ASN C 85 -42.75 -5.90 10.11
C ASN C 85 -41.45 -6.33 9.44
N PHE C 86 -40.70 -7.21 10.11
CA PHE C 86 -39.59 -7.95 9.54
C PHE C 86 -40.15 -9.30 9.02
N ALA C 87 -40.08 -9.50 7.72
CA ALA C 87 -40.71 -10.63 7.06
C ALA C 87 -39.79 -11.13 5.95
N VAL C 88 -39.67 -12.45 5.81
CA VAL C 88 -38.79 -13.04 4.82
C VAL C 88 -39.49 -14.18 4.09
N GLY C 89 -39.21 -14.30 2.80
CA GLY C 89 -39.66 -15.45 2.01
C GLY C 89 -39.26 -16.71 2.77
N ALA C 90 -40.18 -17.65 2.92
CA ALA C 90 -39.90 -18.84 3.72
C ALA C 90 -40.52 -20.04 3.03
N ALA C 91 -40.76 -19.90 1.73
CA ALA C 91 -41.28 -20.96 0.90
C ALA C 91 -41.04 -20.58 -0.55
N PRO C 92 -41.04 -21.55 -1.46
CA PRO C 92 -40.70 -21.30 -2.86
C PRO C 92 -41.60 -20.27 -3.55
N HIS C 93 -41.01 -19.49 -4.44
CA HIS C 93 -41.75 -18.51 -5.21
C HIS C 93 -40.96 -18.31 -6.49
N PRO C 94 -41.66 -18.15 -7.62
CA PRO C 94 -40.94 -17.94 -8.89
C PRO C 94 -39.83 -16.87 -8.85
N PHE C 95 -40.01 -15.79 -8.08
CA PHE C 95 -39.08 -14.68 -8.10
C PHE C 95 -38.09 -14.74 -6.95
N LEU C 96 -38.17 -15.78 -6.12
CA LEU C 96 -37.22 -15.94 -5.02
C LEU C 96 -36.10 -16.89 -5.38
N HIS C 97 -34.86 -16.40 -5.27
CA HIS C 97 -33.65 -17.19 -5.50
C HIS C 97 -33.34 -18.07 -4.30
N ARG C 98 -33.72 -17.60 -3.13
CA ARG C 98 -33.52 -18.35 -1.91
C ARG C 98 -34.58 -17.94 -0.92
N TYR C 99 -34.70 -18.71 0.16
CA TYR C 99 -35.64 -18.39 1.17
C TYR C 99 -35.28 -19.07 2.47
N TYR C 100 -35.83 -18.51 3.53
CA TYR C 100 -35.60 -18.93 4.90
C TYR C 100 -36.15 -20.32 5.14
N GLN C 101 -35.29 -21.24 5.57
CA GLN C 101 -35.74 -22.60 5.89
C GLN C 101 -35.72 -22.80 7.40
N ARG C 102 -36.89 -22.66 8.02
CA ARG C 102 -37.01 -22.69 9.45
C ARG C 102 -36.57 -24.03 10.02
N GLN C 103 -36.74 -25.07 9.20
CA GLN C 103 -36.43 -26.44 9.61
C GLN C 103 -34.94 -26.57 9.90
N LEU C 104 -34.11 -25.81 9.19
CA LEU C 104 -32.65 -25.91 9.33
C LEU C 104 -32.06 -25.00 10.40
N SER C 105 -32.89 -24.37 11.22
CA SER C 105 -32.37 -23.46 12.23
C SER C 105 -32.73 -23.91 13.61
N SER C 106 -31.73 -24.07 14.46
CA SER C 106 -31.94 -24.62 15.78
C SER C 106 -32.49 -23.60 16.76
N THR C 107 -32.35 -22.32 16.42
CA THR C 107 -32.80 -21.25 17.29
C THR C 107 -34.20 -20.75 16.91
N TYR C 108 -34.73 -21.27 15.80
CA TYR C 108 -36.07 -20.89 15.36
C TYR C 108 -37.06 -21.25 16.42
N ARG C 109 -37.97 -20.33 16.73
CA ARG C 109 -39.12 -20.63 17.60
C ARG C 109 -40.43 -20.21 16.92
N ASP C 110 -41.42 -21.07 16.98
CA ASP C 110 -42.69 -20.81 16.32
C ASP C 110 -43.59 -20.10 17.31
N LEU C 111 -44.27 -19.05 16.87
CA LEU C 111 -45.18 -18.34 17.75
C LEU C 111 -46.63 -18.81 17.54
N ARG C 112 -46.81 -19.75 16.60
CA ARG C 112 -48.10 -20.34 16.30
C ARG C 112 -49.22 -19.30 16.12
N LYS C 113 -48.90 -18.25 15.36
CA LYS C 113 -49.82 -17.15 15.06
C LYS C 113 -49.67 -16.80 13.58
N GLY C 114 -50.77 -16.55 12.90
CA GLY C 114 -50.71 -16.14 11.51
C GLY C 114 -50.57 -14.64 11.40
N VAL C 115 -50.20 -14.15 10.22
CA VAL C 115 -50.18 -12.72 9.98
C VAL C 115 -50.25 -12.43 8.49
N TYR C 116 -50.82 -11.31 8.13
CA TYR C 116 -50.76 -10.83 6.77
C TYR C 116 -50.57 -9.32 6.78
N VAL C 117 -49.91 -8.81 5.75
CA VAL C 117 -49.60 -7.41 5.65
C VAL C 117 -49.87 -7.00 4.26
N PRO C 118 -50.86 -6.11 4.09
CA PRO C 118 -51.13 -5.54 2.79
C PRO C 118 -50.34 -4.25 2.61
N TYR C 119 -49.61 -4.13 1.52
CA TYR C 119 -48.86 -2.93 1.28
C TYR C 119 -49.61 -2.15 0.25
N THR C 120 -49.17 -0.94 0.00
CA THR C 120 -49.75 -0.15 -1.05
C THR C 120 -49.56 -0.93 -2.32
N GLN C 121 -48.39 -1.56 -2.43
CA GLN C 121 -48.11 -2.43 -3.56
C GLN C 121 -47.83 -3.83 -3.01
N GLY C 122 -48.75 -4.76 -3.30
CA GLY C 122 -48.60 -6.16 -2.95
C GLY C 122 -48.99 -6.52 -1.54
N LYS C 123 -49.01 -7.82 -1.23
CA LYS C 123 -49.30 -8.28 0.12
C LYS C 123 -48.72 -9.67 0.32
N TRP C 124 -48.55 -10.07 1.58
CA TRP C 124 -48.15 -11.44 1.85
C TRP C 124 -48.81 -11.91 3.11
N GLU C 125 -48.82 -13.21 3.31
CA GLU C 125 -49.27 -13.74 4.58
C GLU C 125 -48.24 -14.76 4.95
N GLY C 126 -48.21 -15.06 6.24
CA GLY C 126 -47.15 -15.88 6.77
C GLY C 126 -47.35 -16.30 8.21
N GLU C 127 -46.29 -16.80 8.81
CA GLU C 127 -46.33 -17.41 10.12
C GLU C 127 -45.30 -16.77 11.02
N LEU C 128 -45.74 -16.26 12.16
CA LEU C 128 -44.82 -15.61 13.09
C LEU C 128 -43.96 -16.61 13.84
N GLY C 129 -42.82 -16.12 14.29
CA GLY C 129 -41.80 -16.92 14.95
C GLY C 129 -40.69 -15.98 15.36
N THR C 130 -39.71 -16.45 16.12
CA THR C 130 -38.52 -15.68 16.39
C THR C 130 -37.29 -16.46 15.98
N ASP C 131 -36.17 -15.76 15.87
CA ASP C 131 -34.91 -16.41 15.54
C ASP C 131 -33.80 -15.40 15.71
N LEU C 132 -32.56 -15.89 15.59
CA LEU C 132 -31.40 -15.03 15.75
C LEU C 132 -31.13 -14.36 14.44
N VAL C 133 -30.82 -13.08 14.54
CA VAL C 133 -30.63 -12.24 13.37
C VAL C 133 -29.36 -11.44 13.51
N SER C 134 -28.63 -11.34 12.40
CA SER C 134 -27.52 -10.41 12.35
C SER C 134 -27.38 -9.73 10.97
N ILE C 135 -26.60 -8.66 10.95
CA ILE C 135 -26.34 -7.86 9.77
C ILE C 135 -24.84 -7.84 9.49
N PRO C 136 -24.38 -8.66 8.54
CA PRO C 136 -22.93 -8.79 8.28
C PRO C 136 -22.22 -7.47 8.14
N HIS C 137 -22.81 -6.49 7.43
CA HIS C 137 -22.18 -5.19 7.27
C HIS C 137 -22.90 -4.15 8.13
N GLY C 138 -23.09 -4.50 9.39
CA GLY C 138 -23.85 -3.66 10.29
C GLY C 138 -23.11 -3.71 11.60
N PRO C 139 -23.78 -3.35 12.69
CA PRO C 139 -23.04 -3.48 13.94
C PRO C 139 -22.77 -4.96 14.18
N ASN C 140 -21.69 -5.31 14.88
CA ASN C 140 -21.43 -6.70 15.18
C ASN C 140 -22.23 -7.17 16.40
N VAL C 141 -23.46 -7.57 16.16
CA VAL C 141 -24.30 -8.06 17.24
C VAL C 141 -25.21 -9.16 16.73
N THR C 142 -25.88 -9.86 17.65
CA THR C 142 -26.86 -10.83 17.27
C THR C 142 -28.04 -10.66 18.17
N VAL C 143 -29.24 -10.68 17.59
CA VAL C 143 -30.44 -10.40 18.36
C VAL C 143 -31.53 -11.41 18.02
N ARG C 144 -32.39 -11.66 19.00
CA ARG C 144 -33.55 -12.47 18.75
C ARG C 144 -34.68 -11.51 18.39
N ALA C 145 -35.23 -11.70 17.20
CA ALA C 145 -36.23 -10.79 16.69
C ALA C 145 -37.42 -11.56 16.17
N ASN C 146 -38.58 -10.91 16.16
CA ASN C 146 -39.73 -11.41 15.44
C ASN C 146 -39.46 -11.50 13.95
N ILE C 147 -39.85 -12.62 13.36
CA ILE C 147 -39.78 -12.82 11.94
C ILE C 147 -41.05 -13.44 11.42
N ALA C 148 -41.67 -12.81 10.44
CA ALA C 148 -42.79 -13.41 9.72
C ALA C 148 -42.23 -14.24 8.59
N ALA C 149 -42.48 -15.54 8.63
CA ALA C 149 -42.17 -16.43 7.54
C ALA C 149 -43.21 -16.34 6.43
N ILE C 150 -42.87 -15.76 5.30
CA ILE C 150 -43.83 -15.60 4.24
C ILE C 150 -44.05 -16.93 3.49
N THR C 151 -45.28 -17.41 3.57
CA THR C 151 -45.73 -18.66 2.98
C THR C 151 -46.46 -18.47 1.66
N GLU C 152 -47.11 -17.32 1.48
CA GLU C 152 -47.82 -16.96 0.27
C GLU C 152 -47.69 -15.47 0.09
N SER C 153 -47.81 -15.00 -1.14
CA SER C 153 -47.64 -13.60 -1.43
C SER C 153 -48.32 -13.29 -2.76
N ASP C 154 -48.71 -12.04 -2.96
CA ASP C 154 -49.40 -11.60 -4.18
C ASP C 154 -48.81 -10.24 -4.59
N LYS C 155 -48.03 -10.24 -5.67
CA LYS C 155 -47.45 -9.03 -6.24
C LYS C 155 -46.59 -8.28 -5.22
N PHE C 156 -45.97 -9.06 -4.33
CA PHE C 156 -45.07 -8.51 -3.35
C PHE C 156 -43.60 -8.60 -3.82
N PHE C 157 -43.09 -9.82 -3.98
CA PHE C 157 -41.77 -10.04 -4.57
C PHE C 157 -41.74 -9.61 -6.02
N ILE C 158 -40.60 -9.08 -6.41
CA ILE C 158 -40.40 -8.49 -7.72
C ILE C 158 -39.42 -9.34 -8.53
N ASN C 159 -39.86 -9.71 -9.72
CA ASN C 159 -39.04 -10.52 -10.61
C ASN C 159 -37.64 -9.94 -10.88
N GLY C 160 -36.62 -10.64 -10.42
CA GLY C 160 -35.27 -10.28 -10.75
C GLY C 160 -34.75 -9.23 -9.82
N SER C 161 -35.58 -8.82 -8.86
CA SER C 161 -34.99 -8.09 -7.76
C SER C 161 -34.19 -9.17 -7.05
N ASN C 162 -33.28 -8.70 -6.24
CA ASN C 162 -32.36 -9.60 -5.59
C ASN C 162 -32.60 -9.58 -4.08
N TRP C 163 -33.81 -9.19 -3.64
CA TRP C 163 -34.13 -9.25 -2.20
C TRP C 163 -35.20 -10.31 -1.95
N GLU C 164 -35.16 -10.89 -0.76
CA GLU C 164 -36.03 -11.98 -0.42
C GLU C 164 -36.88 -11.66 0.78
N GLY C 165 -36.79 -10.43 1.26
CA GLY C 165 -37.47 -10.09 2.49
C GLY C 165 -37.54 -8.58 2.71
N ILE C 166 -38.21 -8.20 3.79
CA ILE C 166 -38.43 -6.79 4.08
C ILE C 166 -38.19 -6.51 5.55
N LEU C 167 -37.49 -5.41 5.79
CA LEU C 167 -37.22 -4.87 7.12
C LEU C 167 -37.97 -3.57 7.39
N GLY C 168 -39.06 -3.68 8.13
CA GLY C 168 -39.88 -2.52 8.47
C GLY C 168 -39.20 -1.81 9.62
N LEU C 169 -38.72 -0.60 9.39
CA LEU C 169 -37.98 0.12 10.41
C LEU C 169 -38.83 1.17 11.12
N ALA C 170 -40.11 1.26 10.74
CA ALA C 170 -41.02 2.19 11.43
C ALA C 170 -41.47 1.57 12.77
N TYR C 171 -42.49 2.15 13.42
CA TYR C 171 -42.69 1.88 14.85
C TYR C 171 -43.84 0.86 15.08
N ALA C 172 -43.84 0.26 16.25
CA ALA C 172 -44.81 -0.79 16.62
C ALA C 172 -46.26 -0.47 16.31
N GLU C 173 -46.65 0.80 16.42
CA GLU C 173 -48.05 1.14 16.24
C GLU C 173 -48.66 0.63 14.93
N ILE C 174 -47.85 0.51 13.88
CA ILE C 174 -48.36 0.01 12.61
C ILE C 174 -47.87 -1.39 12.25
N ALA C 175 -47.29 -2.07 13.23
CA ALA C 175 -46.96 -3.45 13.06
C ALA C 175 -48.24 -4.31 12.94
N ARG C 176 -48.19 -5.35 12.12
CA ARG C 176 -49.25 -6.32 12.05
C ARG C 176 -48.76 -7.62 12.72
N PRO C 177 -49.68 -8.38 13.35
CA PRO C 177 -51.12 -8.14 13.41
C PRO C 177 -51.55 -7.01 14.38
N ASP C 178 -50.72 -6.70 15.36
CA ASP C 178 -51.01 -5.62 16.28
C ASP C 178 -49.72 -5.09 16.83
N ASP C 179 -49.77 -4.01 17.61
CA ASP C 179 -48.55 -3.37 18.10
C ASP C 179 -47.84 -4.09 19.22
N SER C 180 -48.23 -5.31 19.53
CA SER C 180 -47.51 -6.08 20.54
C SER C 180 -46.33 -6.77 19.88
N LEU C 181 -46.36 -6.87 18.55
CA LEU C 181 -45.24 -7.50 17.83
C LEU C 181 -44.07 -6.51 17.67
N GLU C 182 -43.11 -6.63 18.56
CA GLU C 182 -41.98 -5.75 18.60
C GLU C 182 -41.20 -5.72 17.26
N PRO C 183 -41.04 -4.54 16.66
CA PRO C 183 -40.30 -4.45 15.39
C PRO C 183 -38.82 -4.73 15.56
N PHE C 184 -38.14 -5.08 14.49
CA PHE C 184 -36.72 -5.40 14.60
C PHE C 184 -35.88 -4.32 15.28
N PHE C 185 -36.00 -3.07 14.87
CA PHE C 185 -35.04 -2.09 15.36
C PHE C 185 -35.23 -1.87 16.88
N ASP C 186 -36.46 -2.03 17.36
CA ASP C 186 -36.70 -1.95 18.79
C ASP C 186 -35.99 -3.11 19.52
N SER C 187 -36.12 -4.33 19.01
CA SER C 187 -35.40 -5.48 19.58
C SER C 187 -33.91 -5.20 19.62
N LEU C 188 -33.36 -4.66 18.52
CA LEU C 188 -31.94 -4.42 18.42
C LEU C 188 -31.46 -3.50 19.54
N VAL C 189 -32.11 -2.36 19.68
CA VAL C 189 -31.74 -1.39 20.71
C VAL C 189 -31.96 -1.94 22.15
N LYS C 190 -33.07 -2.63 22.39
CA LYS C 190 -33.31 -3.25 23.70
C LYS C 190 -32.25 -4.30 24.07
N GLN C 191 -31.86 -5.15 23.13
CA GLN C 191 -30.93 -6.26 23.40
C GLN C 191 -29.43 -5.93 23.28
N THR C 192 -29.12 -4.75 22.81
CA THR C 192 -27.72 -4.39 22.65
C THR C 192 -27.50 -2.98 23.16
N HIS C 193 -26.31 -2.46 22.91
CA HIS C 193 -25.99 -1.08 23.24
C HIS C 193 -25.99 -0.18 21.99
N VAL C 194 -26.52 -0.69 20.87
CA VAL C 194 -26.60 0.11 19.65
C VAL C 194 -27.48 1.32 19.95
N PRO C 195 -26.96 2.53 19.70
CA PRO C 195 -27.80 3.72 19.96
C PRO C 195 -29.05 3.77 19.11
N ASN C 196 -30.06 4.47 19.61
CA ASN C 196 -31.41 4.42 19.02
C ASN C 196 -31.55 5.44 17.88
N LEU C 197 -30.75 5.23 16.84
CA LEU C 197 -30.92 5.96 15.58
C LEU C 197 -30.24 5.20 14.46
N PHE C 198 -30.72 5.46 13.24
CA PHE C 198 -30.04 5.00 12.06
C PHE C 198 -30.12 6.11 11.04
N SER C 199 -29.25 6.05 10.05
CA SER C 199 -29.28 7.00 8.95
C SER C 199 -29.24 6.29 7.61
N LEU C 200 -29.82 6.92 6.59
CA LEU C 200 -29.83 6.34 5.25
C LEU C 200 -29.30 7.30 4.21
N GLN C 201 -28.35 6.79 3.43
CA GLN C 201 -27.86 7.46 2.24
C GLN C 201 -28.29 6.63 1.07
N LEU C 202 -29.35 7.05 0.37
CA LEU C 202 -29.82 6.31 -0.81
C LEU C 202 -29.24 7.00 -2.06
N CYS C 203 -28.46 6.27 -2.86
CA CYS C 203 -27.87 6.88 -4.07
C CYS C 203 -28.58 6.44 -5.34
N GLY C 204 -28.79 7.40 -6.22
CA GLY C 204 -29.32 7.09 -7.52
C GLY C 204 -28.32 6.37 -8.41
N ALA C 205 -28.71 6.17 -9.65
CA ALA C 205 -27.83 5.59 -10.65
C ALA C 205 -26.67 6.50 -11.00
N GLY C 206 -25.50 5.90 -11.25
CA GLY C 206 -24.37 6.65 -11.76
C GLY C 206 -23.20 6.68 -10.80
N PHE C 207 -23.30 5.93 -9.69
CA PHE C 207 -22.24 5.93 -8.68
C PHE C 207 -21.63 4.53 -8.60
N PRO C 208 -20.34 4.44 -8.23
CA PRO C 208 -19.58 3.20 -8.37
C PRO C 208 -20.07 2.08 -7.44
N ALA C 216 -28.27 -0.04 -14.22
CA ALA C 216 -29.31 0.52 -13.34
C ALA C 216 -29.25 -0.08 -11.91
N SER C 217 -28.05 -0.48 -11.51
CA SER C 217 -27.79 -0.84 -10.13
C SER C 217 -27.60 0.44 -9.31
N VAL C 218 -28.10 0.44 -8.09
CA VAL C 218 -27.95 1.55 -7.19
C VAL C 218 -27.30 0.99 -5.94
N GLY C 219 -26.83 1.88 -5.08
CA GLY C 219 -26.33 1.45 -3.79
C GLY C 219 -26.52 2.55 -2.79
N GLY C 220 -26.04 2.35 -1.58
CA GLY C 220 -26.11 3.40 -0.59
C GLY C 220 -25.66 2.87 0.75
N SER C 221 -26.01 3.58 1.82
CA SER C 221 -25.58 3.19 3.15
C SER C 221 -26.74 3.26 4.14
N MET C 222 -26.83 2.26 4.99
CA MET C 222 -27.61 2.32 6.21
C MET C 222 -26.64 2.27 7.39
N ILE C 223 -26.40 3.41 8.02
CA ILE C 223 -25.55 3.49 9.19
C ILE C 223 -26.45 3.27 10.43
N ILE C 224 -26.30 2.10 11.02
CA ILE C 224 -27.02 1.71 12.20
C ILE C 224 -26.30 2.13 13.48
N GLY C 225 -26.98 2.95 14.27
CA GLY C 225 -26.45 3.40 15.54
C GLY C 225 -25.80 4.76 15.48
N GLY C 226 -25.83 5.42 14.33
CA GLY C 226 -25.16 6.70 14.26
C GLY C 226 -25.17 7.41 12.92
N ILE C 227 -24.31 8.40 12.85
CA ILE C 227 -24.20 9.30 11.72
C ILE C 227 -22.76 9.24 11.18
N ASP C 228 -22.60 8.98 9.89
CA ASP C 228 -21.24 9.02 9.29
C ASP C 228 -21.01 10.33 8.51
N HIS C 229 -20.06 11.13 8.97
CA HIS C 229 -19.88 12.49 8.45
C HIS C 229 -19.31 12.54 7.05
N SER C 230 -18.78 11.43 6.56
CA SER C 230 -18.27 11.47 5.20
C SER C 230 -19.35 11.27 4.19
N LEU C 231 -20.58 10.98 4.62
CA LEU C 231 -21.67 10.73 3.67
C LEU C 231 -22.50 11.98 3.35
N TYR C 232 -22.17 13.11 3.96
CA TYR C 232 -22.91 14.31 3.63
C TYR C 232 -22.03 15.50 3.67
N THR C 233 -22.49 16.58 3.05
CA THR C 233 -21.83 17.88 3.15
C THR C 233 -22.79 18.92 3.74
N GLY C 234 -22.25 19.98 4.33
CA GLY C 234 -23.06 21.05 4.87
C GLY C 234 -23.69 20.68 6.20
N SER C 235 -24.76 21.39 6.57
CA SER C 235 -25.40 21.14 7.86
C SER C 235 -26.56 20.14 7.81
N LEU C 236 -26.72 19.35 8.88
CA LEU C 236 -27.96 18.62 9.13
C LEU C 236 -29.02 19.57 9.69
N TRP C 237 -30.18 19.58 9.04
CA TRP C 237 -31.37 20.26 9.51
C TRP C 237 -32.42 19.24 9.97
N TYR C 238 -33.09 19.50 11.09
CA TYR C 238 -34.03 18.57 11.69
C TYR C 238 -35.48 19.03 11.74
N THR C 239 -36.35 18.07 11.48
CA THR C 239 -37.79 18.24 11.57
C THR C 239 -38.31 17.19 12.55
N PRO C 240 -39.31 17.56 13.37
CA PRO C 240 -39.81 16.63 14.38
C PRO C 240 -40.48 15.43 13.76
N ILE C 241 -40.30 14.28 14.37
CA ILE C 241 -41.19 13.18 14.10
C ILE C 241 -42.50 13.53 14.84
N ARG C 242 -43.58 13.73 14.12
CA ARG C 242 -44.80 14.21 14.77
C ARG C 242 -45.39 13.14 15.71
N ARG C 243 -45.43 11.91 15.25
CA ARG C 243 -45.90 10.77 16.02
C ARG C 243 -45.12 9.53 15.63
N GLU C 244 -44.74 8.72 16.61
CA GLU C 244 -44.03 7.48 16.39
C GLU C 244 -44.94 6.36 15.93
N TRP C 245 -45.29 6.41 14.66
CA TRP C 245 -45.98 5.28 14.02
C TRP C 245 -45.30 5.06 12.64
N TYR C 246 -45.76 5.70 11.56
CA TYR C 246 -44.84 6.05 10.48
C TYR C 246 -43.77 7.02 11.00
N TYR C 247 -42.75 7.28 10.18
CA TYR C 247 -41.90 8.46 10.38
C TYR C 247 -42.64 9.66 9.81
N GLU C 248 -43.55 10.20 10.62
CA GLU C 248 -44.44 11.25 10.20
C GLU C 248 -43.80 12.59 10.39
N VAL C 249 -43.93 13.46 9.39
CA VAL C 249 -43.41 14.83 9.49
C VAL C 249 -44.45 15.80 8.97
N ILE C 250 -44.18 17.09 9.10
CA ILE C 250 -45.07 18.07 8.56
C ILE C 250 -44.45 19.00 7.52
N ILE C 251 -45.07 19.01 6.35
CA ILE C 251 -44.67 19.87 5.26
C ILE C 251 -45.36 21.22 5.41
N VAL C 252 -44.63 22.34 5.44
CA VAL C 252 -45.30 23.60 5.82
C VAL C 252 -45.37 24.59 4.66
N ARG C 253 -44.75 24.23 3.54
CA ARG C 253 -44.73 25.08 2.36
C ARG C 253 -44.25 24.25 1.19
N VAL C 254 -44.80 24.51 0.00
CA VAL C 254 -44.27 23.92 -1.20
C VAL C 254 -44.09 25.00 -2.25
N GLU C 255 -42.94 24.95 -2.93
CA GLU C 255 -42.65 25.88 -4.03
C GLU C 255 -42.20 25.09 -5.22
N ILE C 256 -42.56 25.60 -6.39
CA ILE C 256 -42.13 25.02 -7.66
C ILE C 256 -41.46 26.18 -8.41
N ASN C 257 -40.18 26.00 -8.74
CA ASN C 257 -39.38 27.05 -9.32
C ASN C 257 -39.50 28.39 -8.59
N GLY C 258 -39.49 28.34 -7.25
CA GLY C 258 -39.49 29.53 -6.41
C GLY C 258 -40.87 30.11 -6.20
N GLN C 259 -41.86 29.42 -6.74
CA GLN C 259 -43.24 29.86 -6.72
C GLN C 259 -44.08 29.04 -5.74
N ASP C 260 -44.64 29.70 -4.74
CA ASP C 260 -45.50 29.03 -3.75
C ASP C 260 -46.74 28.37 -4.41
N LEU C 261 -47.05 27.12 -4.05
CA LEU C 261 -48.24 26.47 -4.55
C LEU C 261 -49.49 27.12 -3.99
N LYS C 262 -49.39 27.73 -2.81
CA LYS C 262 -50.44 28.56 -2.24
C LYS C 262 -51.68 27.74 -1.89
N MET C 263 -51.45 26.59 -1.30
CA MET C 263 -52.53 25.77 -0.82
C MET C 263 -52.49 25.90 0.69
N ASP C 264 -53.64 25.69 1.32
CA ASP C 264 -53.70 25.52 2.77
C ASP C 264 -52.72 24.40 3.13
N CYS C 265 -51.77 24.66 4.02
CA CYS C 265 -50.70 23.68 4.22
C CYS C 265 -51.23 22.36 4.79
N LYS C 266 -52.45 22.35 5.33
CA LYS C 266 -53.04 21.09 5.79
C LYS C 266 -53.20 20.11 4.65
N GLU C 267 -53.37 20.63 3.45
CA GLU C 267 -53.53 19.82 2.26
C GLU C 267 -52.25 19.03 1.96
N TYR C 268 -51.11 19.64 2.25
CA TYR C 268 -49.81 18.99 2.00
C TYR C 268 -49.67 17.72 2.87
N ASN C 269 -50.38 17.70 4.00
CA ASN C 269 -50.24 16.62 4.98
C ASN C 269 -51.60 15.92 5.19
N TYR C 270 -52.41 15.96 4.14
CA TYR C 270 -53.76 15.50 4.24
C TYR C 270 -53.75 14.01 4.26
N ASP C 271 -54.22 13.63 5.44
CA ASP C 271 -54.05 12.40 6.12
C ASP C 271 -52.77 12.52 6.92
N LYS C 272 -51.64 12.50 6.22
CA LYS C 272 -50.32 12.51 6.87
C LYS C 272 -49.23 12.72 5.84
N SER C 273 -48.02 12.96 6.31
CA SER C 273 -46.82 12.97 5.45
C SER C 273 -45.78 12.07 6.09
N ILE C 274 -45.18 11.19 5.30
CA ILE C 274 -44.18 10.29 5.86
C ILE C 274 -42.91 10.24 4.99
N VAL C 275 -41.84 9.81 5.63
CA VAL C 275 -40.57 9.51 4.96
C VAL C 275 -40.43 8.00 4.82
N ASP C 276 -40.39 7.52 3.58
CA ASP C 276 -40.65 6.13 3.29
C ASP C 276 -39.66 5.59 2.24
N SER C 277 -38.60 4.94 2.73
CA SER C 277 -37.61 4.34 1.83
C SER C 277 -38.15 3.21 1.02
N GLY C 278 -39.30 2.66 1.44
CA GLY C 278 -39.90 1.53 0.76
C GLY C 278 -40.79 1.85 -0.43
N THR C 279 -41.00 3.13 -0.65
CA THR C 279 -41.78 3.60 -1.78
C THR C 279 -40.86 4.33 -2.77
N THR C 280 -41.08 4.10 -4.04
CA THR C 280 -40.24 4.71 -5.04
C THR C 280 -40.56 6.19 -5.21
N ASN C 281 -41.83 6.52 -5.43
CA ASN C 281 -42.21 7.84 -5.90
C ASN C 281 -42.27 8.88 -4.80
N LEU C 282 -42.34 10.13 -5.22
CA LEU C 282 -42.95 11.16 -4.41
C LEU C 282 -44.43 11.02 -4.64
N ARG C 283 -45.18 10.70 -3.61
CA ARG C 283 -46.61 10.51 -3.75
C ARG C 283 -47.34 11.65 -3.01
N LEU C 284 -48.31 12.28 -3.68
CA LEU C 284 -48.98 13.48 -3.15
C LEU C 284 -50.51 13.28 -3.06
N PRO C 285 -51.14 13.80 -1.99
CA PRO C 285 -52.62 13.91 -2.00
C PRO C 285 -53.16 14.51 -3.28
N LYS C 286 -54.34 14.05 -3.68
CA LYS C 286 -54.91 14.39 -4.99
C LYS C 286 -54.87 15.88 -5.32
N LYS C 287 -55.38 16.72 -4.42
CA LYS C 287 -55.42 18.17 -4.68
C LYS C 287 -54.02 18.70 -4.90
N VAL C 288 -53.09 18.26 -4.08
CA VAL C 288 -51.71 18.71 -4.21
C VAL C 288 -51.07 18.15 -5.48
N PHE C 289 -51.29 16.86 -5.75
CA PHE C 289 -50.79 16.28 -7.00
C PHE C 289 -51.25 17.06 -8.22
N GLU C 290 -52.52 17.45 -8.20
CA GLU C 290 -53.09 18.17 -9.31
C GLU C 290 -52.46 19.54 -9.49
N ALA C 291 -52.31 20.28 -8.40
CA ALA C 291 -51.65 21.58 -8.46
C ALA C 291 -50.21 21.47 -8.98
N ALA C 292 -49.45 20.53 -8.44
CA ALA C 292 -48.06 20.40 -8.83
C ALA C 292 -47.90 20.00 -10.28
N VAL C 293 -48.70 19.04 -10.74
CA VAL C 293 -48.62 18.59 -12.15
C VAL C 293 -48.92 19.74 -13.09
N LYS C 294 -49.95 20.51 -12.78
CA LYS C 294 -50.30 21.69 -13.55
C LYS C 294 -49.15 22.67 -13.70
N SER C 295 -48.39 22.81 -12.62
CA SER C 295 -47.35 23.81 -12.59
C SER C 295 -46.14 23.25 -13.32
N ILE C 296 -45.88 21.96 -13.15
CA ILE C 296 -44.74 21.30 -13.82
C ILE C 296 -45.01 21.23 -15.34
N LYS C 297 -46.24 20.93 -15.73
CA LYS C 297 -46.64 20.96 -17.15
C LYS C 297 -46.42 22.34 -17.75
N ALA C 298 -46.90 23.36 -17.06
CA ALA C 298 -46.75 24.73 -17.53
C ALA C 298 -45.30 25.07 -17.70
N ALA C 299 -44.48 24.71 -16.72
CA ALA C 299 -43.07 25.02 -16.81
C ALA C 299 -42.44 24.31 -18.01
N SER C 300 -42.92 23.11 -18.35
CA SER C 300 -42.30 22.33 -19.43
C SER C 300 -43.08 22.41 -20.74
N SER C 301 -43.92 23.45 -20.87
CA SER C 301 -44.73 23.76 -22.07
C SER C 301 -44.00 23.62 -23.41
N THR C 302 -42.74 24.04 -23.46
CA THR C 302 -41.90 23.92 -24.65
C THR C 302 -42.09 22.60 -25.40
N GLU C 303 -42.42 21.55 -24.65
CA GLU C 303 -42.59 20.22 -25.21
C GLU C 303 -43.93 19.64 -24.84
N LYS C 304 -44.38 18.70 -25.65
CA LYS C 304 -45.68 18.06 -25.42
C LYS C 304 -45.39 16.62 -25.03
N PHE C 305 -46.17 16.11 -24.08
CA PHE C 305 -46.02 14.74 -23.60
C PHE C 305 -47.41 14.11 -23.47
N PRO C 306 -47.49 12.79 -23.72
CA PRO C 306 -48.78 12.10 -23.54
C PRO C 306 -49.30 12.21 -22.11
N ASP C 307 -50.61 12.40 -21.94
CA ASP C 307 -51.20 12.45 -20.59
C ASP C 307 -50.80 11.23 -19.78
N GLY C 308 -50.53 10.13 -20.47
CA GLY C 308 -50.07 8.91 -19.82
C GLY C 308 -48.70 9.08 -19.19
N PHE C 309 -47.90 9.96 -19.74
CA PHE C 309 -46.61 10.26 -19.13
C PHE C 309 -46.81 10.81 -17.72
N TRP C 310 -47.77 11.72 -17.60
CA TRP C 310 -48.04 12.41 -16.33
C TRP C 310 -48.73 11.53 -15.29
N LEU C 311 -49.28 10.40 -15.73
CA LEU C 311 -49.87 9.43 -14.82
C LEU C 311 -48.93 8.28 -14.48
N GLY C 312 -47.71 8.32 -15.01
CA GLY C 312 -46.71 7.35 -14.63
C GLY C 312 -46.69 6.08 -15.49
N GLU C 313 -47.55 6.03 -16.48
CA GLU C 313 -47.73 4.85 -17.31
C GLU C 313 -46.63 4.63 -18.37
N GLN C 314 -46.45 5.60 -19.26
CA GLN C 314 -45.51 5.43 -20.36
C GLN C 314 -44.30 6.34 -20.23
N LEU C 315 -43.23 5.93 -20.90
CA LEU C 315 -41.97 6.61 -20.79
C LEU C 315 -41.94 7.83 -21.68
N VAL C 316 -40.90 8.62 -21.53
CA VAL C 316 -40.67 9.74 -22.42
C VAL C 316 -39.20 9.63 -22.71
N CYS C 317 -38.82 9.81 -23.96
CA CYS C 317 -37.44 9.50 -24.37
C CYS C 317 -36.81 10.66 -25.09
N TRP C 318 -35.51 10.82 -24.88
CA TRP C 318 -34.70 11.77 -25.64
C TRP C 318 -33.43 11.06 -26.12
N GLN C 319 -32.92 11.48 -27.28
CA GLN C 319 -31.64 10.97 -27.77
C GLN C 319 -30.60 11.25 -26.70
N ALA C 320 -29.86 10.21 -26.34
CA ALA C 320 -28.93 10.27 -25.22
C ALA C 320 -28.20 11.61 -25.14
N GLY C 321 -28.10 12.16 -23.93
CA GLY C 321 -27.38 13.39 -23.69
C GLY C 321 -28.07 14.69 -24.09
N THR C 322 -29.34 14.62 -24.48
CA THR C 322 -30.09 15.81 -24.85
C THR C 322 -31.35 16.01 -24.00
N THR C 323 -31.45 15.30 -22.89
CA THR C 323 -32.59 15.46 -21.99
C THR C 323 -32.71 16.93 -21.63
N PRO C 324 -33.83 17.56 -21.94
CA PRO C 324 -33.98 18.99 -21.67
C PRO C 324 -34.25 19.31 -20.16
N TRP C 325 -33.29 19.00 -19.30
CA TRP C 325 -33.47 19.22 -17.85
C TRP C 325 -33.99 20.61 -17.48
N ASN C 326 -33.55 21.62 -18.22
CA ASN C 326 -33.83 23.00 -17.88
C ASN C 326 -35.30 23.33 -17.90
N ILE C 327 -36.12 22.57 -18.59
CA ILE C 327 -37.52 22.98 -18.69
C ILE C 327 -38.33 22.36 -17.57
N PHE C 328 -37.71 21.46 -16.82
CA PHE C 328 -38.39 20.86 -15.67
C PHE C 328 -37.95 21.64 -14.43
N PRO C 329 -38.91 22.03 -13.58
CA PRO C 329 -38.63 22.90 -12.44
C PRO C 329 -38.08 22.17 -11.20
N VAL C 330 -37.48 22.92 -10.28
CA VAL C 330 -37.14 22.36 -8.98
C VAL C 330 -38.35 22.46 -8.08
N ILE C 331 -38.49 21.45 -7.22
CA ILE C 331 -39.52 21.38 -6.21
C ILE C 331 -38.89 21.56 -4.83
N SER C 332 -39.37 22.57 -4.10
CA SER C 332 -38.94 22.83 -2.73
C SER C 332 -40.03 22.42 -1.75
N LEU C 333 -39.68 21.46 -0.90
CA LEU C 333 -40.50 20.99 0.20
C LEU C 333 -39.93 21.54 1.47
N TYR C 334 -40.73 22.39 2.12
CA TYR C 334 -40.35 22.98 3.39
C TYR C 334 -40.84 22.10 4.52
N LEU C 335 -39.91 21.71 5.37
CA LEU C 335 -40.22 20.88 6.53
C LEU C 335 -40.18 21.68 7.84
N MET C 336 -41.19 21.48 8.68
CA MET C 336 -41.30 22.21 9.92
C MET C 336 -40.05 22.05 10.76
N GLY C 337 -39.50 23.17 11.23
CA GLY C 337 -38.34 23.10 12.12
C GLY C 337 -38.75 22.57 13.49
N GLU C 338 -37.78 22.13 14.25
CA GLU C 338 -38.04 21.83 15.65
C GLU C 338 -38.49 23.13 16.34
N VAL C 339 -37.91 24.24 15.91
CA VAL C 339 -38.39 25.58 16.21
C VAL C 339 -38.80 26.16 14.85
N THR C 340 -40.01 26.72 14.79
CA THR C 340 -40.56 27.10 13.51
C THR C 340 -39.98 28.36 12.88
N ASN C 341 -38.94 28.95 13.43
CA ASN C 341 -38.18 29.93 12.68
C ASN C 341 -36.81 29.33 12.32
N GLN C 342 -36.74 28.00 12.43
CA GLN C 342 -35.60 27.24 11.96
C GLN C 342 -36.09 26.07 11.12
N SER C 343 -37.16 26.32 10.39
CA SER C 343 -37.64 25.41 9.38
C SER C 343 -36.66 25.44 8.21
N PHE C 344 -36.84 24.54 7.25
CA PHE C 344 -35.85 24.40 6.19
C PHE C 344 -36.47 23.82 4.96
N ARG C 345 -35.81 23.94 3.83
CA ARG C 345 -36.36 23.33 2.62
C ARG C 345 -35.37 22.32 2.08
N ILE C 346 -35.91 21.28 1.44
CA ILE C 346 -35.10 20.42 0.60
C ILE C 346 -35.58 20.64 -0.82
N THR C 347 -34.61 20.78 -1.72
CA THR C 347 -34.95 21.07 -3.11
C THR C 347 -34.66 19.84 -3.95
N ILE C 348 -35.63 19.47 -4.77
CA ILE C 348 -35.66 18.28 -5.58
C ILE C 348 -35.47 18.67 -7.05
N LEU C 349 -34.48 18.10 -7.70
CA LEU C 349 -34.23 18.39 -9.11
C LEU C 349 -34.95 17.37 -9.98
N PRO C 350 -35.21 17.71 -11.24
CA PRO C 350 -35.92 16.78 -12.13
C PRO C 350 -35.15 15.48 -12.36
N GLN C 351 -33.85 15.52 -12.17
CA GLN C 351 -33.03 14.33 -12.15
C GLN C 351 -33.47 13.33 -11.09
N GLN C 352 -34.15 13.83 -10.03
CA GLN C 352 -34.77 12.94 -9.06
C GLN C 352 -36.16 12.49 -9.46
N TYR C 353 -37.02 13.38 -9.94
CA TYR C 353 -38.41 12.95 -10.19
C TYR C 353 -38.68 12.49 -11.63
N LEU C 354 -37.66 12.51 -12.48
CA LEU C 354 -37.69 11.80 -13.76
C LEU C 354 -36.84 10.57 -13.56
N ARG C 355 -37.47 9.44 -13.29
CA ARG C 355 -36.71 8.25 -12.93
C ARG C 355 -36.25 7.55 -14.21
N PRO C 356 -34.96 7.22 -14.28
CA PRO C 356 -34.52 6.62 -15.54
C PRO C 356 -34.94 5.13 -15.69
N VAL C 357 -35.31 4.74 -16.90
CA VAL C 357 -35.61 3.35 -17.25
C VAL C 357 -35.03 3.03 -18.65
N GLU C 358 -35.17 1.79 -19.11
CA GLU C 358 -34.65 1.39 -20.42
C GLU C 358 -35.79 1.18 -21.44
N ASP C 359 -35.44 1.12 -22.72
CA ASP C 359 -36.45 0.87 -23.77
C ASP C 359 -35.89 0.05 -24.92
N SER C 363 -33.69 1.21 -27.54
CA SER C 363 -32.65 1.99 -28.23
C SER C 363 -31.52 2.38 -27.28
N GLN C 364 -30.65 3.29 -27.73
CA GLN C 364 -29.68 3.92 -26.85
C GLN C 364 -30.15 5.33 -26.50
N ASP C 365 -31.46 5.53 -26.52
CA ASP C 365 -32.04 6.77 -26.05
C ASP C 365 -31.98 6.85 -24.53
N ASP C 366 -32.37 8.00 -24.00
CA ASP C 366 -32.54 8.18 -22.57
C ASP C 366 -34.01 8.34 -22.28
N CYS C 367 -34.54 7.39 -21.52
CA CYS C 367 -35.96 7.33 -21.22
C CYS C 367 -36.23 7.40 -19.72
N TYR C 368 -37.36 8.01 -19.38
CA TYR C 368 -37.68 8.34 -18.00
C TYR C 368 -39.14 8.11 -17.70
N LYS C 369 -39.41 7.67 -16.47
CA LYS C 369 -40.76 7.65 -15.92
C LYS C 369 -40.91 8.82 -14.94
N PHE C 370 -42.05 9.49 -15.01
CA PHE C 370 -42.45 10.54 -14.05
C PHE C 370 -42.72 9.87 -12.71
N ALA C 371 -41.93 10.21 -11.67
CA ALA C 371 -41.94 9.54 -10.37
C ALA C 371 -42.61 10.41 -9.31
N ILE C 372 -43.53 11.24 -9.76
CA ILE C 372 -44.50 11.91 -8.91
C ILE C 372 -45.85 11.38 -9.27
N SER C 373 -46.58 10.87 -8.28
CA SER C 373 -47.88 10.30 -8.55
C SER C 373 -48.85 10.56 -7.42
N GLN C 374 -50.10 10.15 -7.62
CA GLN C 374 -51.17 10.48 -6.70
C GLN C 374 -51.29 9.47 -5.57
N SER C 375 -51.74 9.97 -4.42
CA SER C 375 -51.97 9.17 -3.22
C SER C 375 -53.31 9.50 -2.57
N SER C 376 -53.92 8.50 -1.93
CA SER C 376 -55.12 8.71 -1.12
C SER C 376 -54.85 8.52 0.38
N THR C 377 -53.58 8.38 0.74
CA THR C 377 -53.18 8.08 2.12
C THR C 377 -52.12 9.04 2.61
N GLY C 378 -52.09 10.23 2.02
CA GLY C 378 -51.20 11.31 2.44
C GLY C 378 -49.93 11.39 1.60
N THR C 379 -49.07 12.35 1.91
CA THR C 379 -47.79 12.47 1.19
C THR C 379 -46.84 11.33 1.55
N VAL C 380 -46.25 10.74 0.53
CA VAL C 380 -45.18 9.76 0.73
C VAL C 380 -43.88 10.30 0.07
N MET C 381 -42.90 10.62 0.91
CA MET C 381 -41.58 11.07 0.43
C MET C 381 -40.73 9.83 0.29
N GLY C 382 -40.82 9.23 -0.90
CA GLY C 382 -40.18 7.98 -1.19
C GLY C 382 -38.73 8.12 -1.65
N ALA C 383 -38.22 7.05 -2.27
CA ALA C 383 -36.77 6.93 -2.53
C ALA C 383 -36.28 8.09 -3.38
N VAL C 384 -37.15 8.52 -4.25
CA VAL C 384 -36.81 9.52 -5.22
C VAL C 384 -36.59 10.88 -4.53
N ILE C 385 -37.19 11.06 -3.36
CA ILE C 385 -36.96 12.25 -2.60
C ILE C 385 -35.74 12.05 -1.75
N MET C 386 -35.63 10.89 -1.12
CA MET C 386 -34.52 10.63 -0.18
C MET C 386 -33.16 10.60 -0.91
N GLU C 387 -33.19 10.15 -2.16
CA GLU C 387 -32.00 10.13 -3.02
C GLU C 387 -31.23 11.43 -3.05
N GLY C 388 -29.92 11.41 -2.85
CA GLY C 388 -29.18 12.64 -2.82
C GLY C 388 -29.34 13.48 -1.55
N PHE C 389 -30.11 12.96 -0.59
CA PHE C 389 -30.03 13.45 0.76
C PHE C 389 -29.50 12.35 1.69
N TYR C 390 -28.87 12.79 2.76
CA TYR C 390 -28.53 11.93 3.88
C TYR C 390 -29.60 12.19 4.93
N VAL C 391 -30.30 11.12 5.32
CA VAL C 391 -31.51 11.25 6.12
C VAL C 391 -31.25 10.51 7.41
N VAL C 392 -31.27 11.26 8.50
CA VAL C 392 -31.03 10.71 9.81
C VAL C 392 -32.35 10.44 10.55
N PHE C 393 -32.62 9.17 10.86
CA PHE C 393 -33.82 8.81 11.63
C PHE C 393 -33.42 8.74 13.08
N ASP C 394 -33.50 9.91 13.73
CA ASP C 394 -33.09 10.12 15.12
C ASP C 394 -34.24 9.79 16.06
N ARG C 395 -34.45 8.50 16.25
CA ARG C 395 -35.54 8.01 17.08
C ARG C 395 -35.42 8.48 18.51
N ALA C 396 -34.17 8.54 18.99
CA ALA C 396 -33.91 8.94 20.36
C ALA C 396 -34.42 10.34 20.64
N ARG C 397 -34.20 11.26 19.70
CA ARG C 397 -34.65 12.64 19.89
C ARG C 397 -35.91 12.98 19.08
N LYS C 398 -36.61 11.96 18.62
CA LYS C 398 -37.87 12.12 17.90
C LYS C 398 -37.79 13.13 16.72
N ARG C 399 -36.78 12.99 15.90
CA ARG C 399 -36.60 13.92 14.80
C ARG C 399 -35.95 13.26 13.60
N ILE C 400 -36.16 13.84 12.44
CA ILE C 400 -35.50 13.41 11.24
C ILE C 400 -34.63 14.53 10.66
N GLY C 401 -33.37 14.20 10.41
CA GLY C 401 -32.39 15.13 9.87
C GLY C 401 -32.16 14.90 8.39
N PHE C 402 -32.01 16.00 7.66
CA PHE C 402 -31.67 15.97 6.25
C PHE C 402 -30.38 16.73 6.03
N ALA C 403 -29.47 16.17 5.23
CA ALA C 403 -28.31 16.95 4.73
C ALA C 403 -28.09 16.59 3.24
N VAL C 404 -27.39 17.46 2.52
CA VAL C 404 -27.03 17.15 1.14
C VAL C 404 -26.12 15.94 1.15
N SER C 405 -26.46 14.94 0.37
CA SER C 405 -25.69 13.71 0.35
C SER C 405 -24.39 13.82 -0.46
N ALA C 406 -23.40 13.02 -0.13
CA ALA C 406 -22.18 12.95 -0.94
C ALA C 406 -22.44 12.35 -2.33
N CYS C 407 -23.55 11.64 -2.51
CA CYS C 407 -23.98 11.19 -3.83
C CYS C 407 -25.16 12.01 -4.30
N HIS C 408 -25.11 13.32 -4.09
CA HIS C 408 -26.18 14.22 -4.52
C HIS C 408 -26.22 14.26 -6.03
N VAL C 409 -27.36 14.71 -6.53
CA VAL C 409 -27.64 14.70 -7.95
C VAL C 409 -27.00 15.95 -8.57
N HIS C 410 -26.42 15.80 -9.76
CA HIS C 410 -25.72 16.91 -10.41
C HIS C 410 -26.47 17.46 -11.60
N ASP C 411 -26.43 18.78 -11.73
CA ASP C 411 -27.06 19.53 -12.81
C ASP C 411 -26.06 20.65 -13.01
N GLU C 412 -25.86 21.11 -14.23
CA GLU C 412 -24.71 21.97 -14.46
C GLU C 412 -24.98 23.36 -13.89
N PHE C 413 -26.26 23.71 -13.81
CA PHE C 413 -26.68 25.06 -13.47
C PHE C 413 -27.57 25.14 -12.22
N ARG C 414 -27.86 24.00 -11.60
CA ARG C 414 -28.75 23.96 -10.44
C ARG C 414 -28.23 22.91 -9.49
N THR C 415 -28.53 23.05 -8.20
CA THR C 415 -28.13 22.01 -7.28
C THR C 415 -29.13 21.76 -6.16
N ALA C 416 -29.30 20.47 -5.87
CA ALA C 416 -30.05 20.02 -4.73
C ALA C 416 -29.45 20.62 -3.46
N ALA C 417 -30.34 20.95 -2.53
CA ALA C 417 -29.97 21.71 -1.36
C ALA C 417 -30.84 21.32 -0.17
N VAL C 418 -30.27 21.54 1.00
CA VAL C 418 -30.96 21.58 2.27
C VAL C 418 -30.63 22.97 2.83
N GLU C 419 -31.63 23.84 2.90
CA GLU C 419 -31.40 25.25 3.19
C GLU C 419 -32.32 25.74 4.27
N GLY C 420 -31.73 26.49 5.16
CA GLY C 420 -32.46 27.26 6.15
C GLY C 420 -31.56 28.33 6.72
N PRO C 421 -32.04 29.08 7.69
CA PRO C 421 -33.37 28.89 8.29
C PRO C 421 -34.51 29.53 7.51
N PHE C 422 -35.72 29.00 7.71
CA PHE C 422 -36.94 29.65 7.27
C PHE C 422 -37.91 29.79 8.43
N VAL C 423 -38.72 30.84 8.39
CA VAL C 423 -39.82 30.95 9.32
C VAL C 423 -41.12 30.55 8.63
N THR C 424 -41.86 29.67 9.29
CA THR C 424 -43.01 29.03 8.65
C THR C 424 -44.14 28.83 9.62
N LEU C 425 -45.29 28.38 9.08
CA LEU C 425 -46.41 27.86 9.85
C LEU C 425 -46.00 26.70 10.68
N ASP C 426 -46.86 26.26 11.59
CA ASP C 426 -46.46 25.27 12.59
C ASP C 426 -47.37 24.05 12.56
N MET C 427 -47.21 23.16 13.52
CA MET C 427 -47.98 21.92 13.59
C MET C 427 -49.50 22.20 13.62
N GLU C 428 -49.90 23.20 14.38
CA GLU C 428 -51.34 23.46 14.49
C GLU C 428 -51.89 24.01 13.16
N ASP C 429 -51.12 24.82 12.44
CA ASP C 429 -51.63 25.31 11.14
C ASP C 429 -51.66 24.23 10.07
N CYS C 430 -50.70 23.30 10.13
CA CYS C 430 -50.41 22.43 8.98
C CYS C 430 -50.66 20.95 9.22
N GLY C 431 -50.63 20.49 10.46
CA GLY C 431 -50.92 19.10 10.74
C GLY C 431 -52.40 18.78 10.55
N TYR C 432 -52.70 17.73 9.81
CA TYR C 432 -54.05 17.19 9.75
C TYR C 432 -54.32 16.42 11.04
N ASN C 433 -55.57 16.38 11.47
CA ASN C 433 -55.89 15.66 12.70
C ASN C 433 -56.85 14.50 12.50
S SO4 D . 20.91 3.81 8.91
O1 SO4 D . 20.71 4.63 10.12
O2 SO4 D . 21.54 4.62 7.86
O3 SO4 D . 19.63 3.29 8.42
O4 SO4 D . 21.74 2.65 9.26
S SO4 E . 26.95 15.04 -5.24
O1 SO4 E . 26.88 16.52 -5.25
O2 SO4 E . 27.55 14.60 -3.97
O3 SO4 E . 25.62 14.43 -5.34
O4 SO4 E . 27.73 14.62 -6.40
S SO4 F . 36.09 -14.52 -14.79
O1 SO4 F . 36.69 -13.28 -15.33
O2 SO4 F . 37.10 -15.57 -14.71
O3 SO4 F . 34.99 -14.95 -15.66
O4 SO4 F . 35.52 -14.31 -13.45
C21 8W4 G . 32.80 4.03 0.09
C23 8W4 G . 31.96 6.13 -0.75
C31 8W4 G . 27.70 -2.40 3.71
C30 8W4 G . 28.84 -1.91 4.56
C28 8W4 G . 29.36 -0.10 3.14
C10 8W4 G . 32.86 8.04 2.61
C11 8W4 G . 34.11 7.19 2.79
C16 8W4 G . 29.66 3.49 3.09
C15 8W4 G . 29.98 4.64 3.76
C13 8W4 G . 31.10 6.80 3.87
C12 8W4 G . 30.32 7.14 5.02
C20 8W4 G . 31.55 3.38 -0.04
C19 8W4 G . 31.38 1.95 0.35
C18 8W4 G . 30.36 1.75 1.53
C24 8W4 G . 30.70 5.51 -0.89
C26 8W4 G . 30.46 0.33 2.18
O01 8W4 G . 30.89 6.64 8.03
S02 8W4 G . 29.53 7.15 8.04
C03 8W4 G . 29.70 8.90 7.78
C04 8W4 G . 30.66 9.56 8.77
C05 8W4 G . 28.40 9.62 8.04
C06 8W4 G . 30.23 9.30 6.46
N07 8W4 G . 30.74 8.44 5.44
C08 8W4 G . 31.71 8.90 4.55
C09 8W4 G . 31.97 7.95 3.60
C14 8W4 G . 30.88 5.57 3.24
N17 8W4 G . 30.59 2.82 2.44
C22 8W4 G . 32.99 5.36 -0.26
C25 8W4 G . 30.52 4.15 -0.56
O27 8W4 G . 30.45 -0.63 1.16
N29 8W4 G . 29.85 -1.31 3.71
N32 8W4 G . 27.30 -1.38 2.70
C33 8W4 G . 25.98 -1.61 2.00
C34 8W4 G . 26.16 -2.75 1.04
C35 8W4 G . 26.89 -2.56 -0.13
C36 8W4 G . 27.07 -3.60 -1.01
C37 8W4 G . 26.61 -4.86 -0.73
C38 8W4 G . 25.92 -5.05 0.44
C39 8W4 G . 25.69 -4.00 1.31
C40 8W4 G . 28.03 -0.25 2.41
O41 8W4 G . 27.63 0.57 1.58
O42 8W4 G . 28.44 3.26 2.93
C43 8W4 G . 29.19 5.00 4.87
C44 8W4 G . 29.35 6.23 5.49
N45 8W4 G . 28.71 6.54 6.66
C46 8W4 G . 27.26 6.28 6.89
O47 8W4 G . 28.86 6.94 9.21
C URE H . 34.06 15.97 6.66
O URE H . 33.63 16.77 7.46
N1 URE H . 33.24 15.04 6.10
N2 URE H . 35.37 15.98 6.32
S SO4 I . -13.21 -12.48 -3.72
O1 SO4 I . -12.63 -11.90 -2.51
O2 SO4 I . -12.74 -11.83 -4.94
O3 SO4 I . -14.67 -12.38 -3.67
O4 SO4 I . -12.85 -13.90 -3.75
S SO4 J . -5.53 19.08 -9.03
O1 SO4 J . -4.72 20.23 -9.48
O2 SO4 J . -4.76 18.30 -8.06
O3 SO4 J . -6.78 19.51 -8.41
O4 SO4 J . -5.86 18.23 -10.18
S SO4 K . 2.37 12.81 14.77
O1 SO4 K . 2.46 14.27 14.84
O2 SO4 K . 3.59 12.24 15.36
O3 SO4 K . 1.21 12.38 15.55
O4 SO4 K . 2.23 12.38 13.37
S SO4 L . -0.26 -17.25 -38.74
O1 SO4 L . 1.09 -17.74 -38.44
O2 SO4 L . -0.42 -15.84 -38.29
O3 SO4 L . -1.20 -18.17 -38.11
O4 SO4 L . -0.49 -17.34 -40.19
C1 GOL M . 2.08 -22.14 -26.90
O1 GOL M . 3.01 -23.01 -27.48
C2 GOL M . 1.51 -21.07 -27.84
O2 GOL M . 1.53 -21.46 -29.20
C3 GOL M . 0.06 -20.82 -27.44
O3 GOL M . -0.45 -19.66 -28.06
C21 8W4 N . -3.03 -2.53 -0.34
C23 8W4 N . -3.66 -3.04 1.92
C31 8W4 N . -8.72 -3.51 -7.16
C30 8W4 N . -7.47 -4.25 -7.39
C28 8W4 N . -6.66 -3.93 -5.14
C10 8W4 N . -1.75 -6.61 1.70
C11 8W4 N . -0.69 -6.00 0.73
C16 8W4 N . -5.77 -5.43 -1.99
C15 8W4 N . -5.13 -6.56 -1.35
C13 8W4 N . -3.56 -7.48 0.24
C12 8W4 N . -4.09 -8.78 0.05
C20 8W4 N . -4.34 -2.44 -0.77
C19 8W4 N . -4.67 -2.10 -2.23
C18 8W4 N . -5.58 -3.16 -2.88
C24 8W4 N . -5.02 -2.96 1.52
C26 8W4 N . -5.66 -3.03 -4.39
O01 8W4 N . -3.18 -10.86 -1.86
S02 8W4 N . -4.37 -11.47 -1.33
C03 8W4 N . -3.88 -12.11 0.23
C04 8W4 N . -2.62 -12.94 0.10
C05 8W4 N . -4.97 -13.04 0.87
C06 8W4 N . -3.54 -11.10 1.16
N07 8W4 N . -3.35 -9.68 0.89
C08 8W4 N . -2.40 -8.93 1.58
C09 8W4 N . -2.49 -7.60 1.22
C14 8W4 N . -4.11 -6.39 -0.44
N17 8W4 N . -5.07 -4.40 -2.43
C22 8W4 N . -2.69 -2.82 0.96
C25 8W4 N . -5.34 -2.65 0.20
O27 8W4 N . -6.02 -1.69 -4.63
N29 8W4 N . -6.37 -3.79 -6.55
N32 8W4 N . -9.02 -3.29 -5.73
C33 8W4 N . -10.41 -2.85 -5.43
C34 8W4 N . -10.60 -1.51 -5.98
C35 8W4 N . -10.03 -0.39 -5.31
C36 8W4 N . -10.18 0.86 -5.85
C37 8W4 N . -10.87 1.06 -7.04
C38 8W4 N . -11.43 -0.04 -7.71
C39 8W4 N . -11.27 -1.31 -7.17
C40 8W4 N . -8.11 -3.49 -4.72
O41 8W4 N . -8.43 -3.30 -3.57
O42 8W4 N . -7.01 -5.38 -1.91
C43 8W4 N . -5.68 -7.86 -1.53
C44 8W4 N . -5.18 -8.96 -0.84
N45 8W4 N . -5.54 -10.24 -1.09
C46 8W4 N . -6.91 -10.69 -1.35
O47 8W4 N . -4.90 -12.56 -2.07
C URE O . -17.60 -17.41 -18.30
O URE O . -16.89 -17.34 -19.29
N1 URE O . -18.67 -16.60 -18.23
N2 URE O . -17.34 -18.26 -17.28
S SO4 P . -20.74 6.55 -0.86
O1 SO4 P . -20.70 7.93 -0.35
O2 SO4 P . -20.11 5.66 0.11
O3 SO4 P . -22.10 6.05 -1.10
O4 SO4 P . -20.00 6.45 -2.12
S SO4 Q . -34.30 30.56 17.82
O1 SO4 Q . -35.04 31.82 18.01
O2 SO4 Q . -32.86 30.81 17.99
O3 SO4 Q . -34.69 29.51 18.78
O4 SO4 Q . -34.57 30.05 16.49
S SO4 R . -38.82 -10.59 20.98
O1 SO4 R . -39.36 -9.28 21.38
O2 SO4 R . -37.67 -11.02 21.79
O3 SO4 R . -39.89 -11.58 21.08
O4 SO4 R . -38.38 -10.50 19.59
S SO4 S . -33.91 -16.34 25.49
O1 SO4 S . -32.48 -16.36 25.23
O2 SO4 S . -34.16 -15.82 26.84
O3 SO4 S . -34.44 -17.70 25.39
O4 SO4 S . -34.58 -15.49 24.51
C21 8W4 T . -41.60 -2.49 -0.82
C23 8W4 T . -42.38 -3.91 -2.58
C31 8W4 T . -47.32 2.51 4.04
C30 8W4 T . -46.20 3.28 3.42
C28 8W4 T . -45.45 1.43 2.12
C10 8W4 T . -41.42 -1.15 -5.41
C11 8W4 T . -40.29 -0.78 -4.43
C16 8W4 T . -44.89 0.37 -1.30
C15 8W4 T . -44.59 0.73 -2.61
C13 8W4 T . -43.36 0.27 -4.67
C12 8W4 T . -44.19 1.17 -5.35
C20 8W4 T . -42.86 -2.45 -0.21
C19 8W4 T . -43.08 -1.63 1.05
C18 8W4 T . -44.17 -0.54 0.89
C24 8W4 T . -43.65 -3.92 -1.98
C26 8W4 T . -44.23 0.43 2.07
O01 8W4 T . -43.80 4.23 -5.83
S02 8W4 T . -45.15 3.99 -6.36
C03 8W4 T . -44.79 3.26 -7.90
C04 8W4 T . -43.70 3.94 -8.66
C05 8W4 T . -45.95 3.33 -8.81
C06 8W4 T . -44.35 1.91 -7.83
N07 8W4 T . -43.75 1.25 -6.71
C08 8W4 T . -42.68 0.36 -6.85
C09 8W4 T . -42.39 -0.24 -5.64
C14 8W4 T . -43.59 0.04 -3.34
N17 8W4 T . -43.92 0.09 -0.41
C22 8W4 T . -41.37 -3.20 -1.98
C25 8W4 T . -43.89 -3.18 -0.81
O27 8W4 T . -44.25 -0.33 3.27
N29 8W4 T . -45.08 2.41 3.13
N32 8W4 T . -47.59 1.27 3.36
C33 8W4 T . -48.82 0.58 3.74
C34 8W4 T . -48.63 0.00 5.13
C35 8W4 T . -47.85 -1.15 5.33
C36 8W4 T . -47.65 -1.68 6.59
C37 8W4 T . -48.18 -1.10 7.69
C38 8W4 T . -48.97 0.02 7.53
C39 8W4 T . -49.19 0.56 6.26
C40 8W4 T . -46.73 0.66 2.43
O41 8W4 T . -47.02 -0.41 1.88
O42 8W4 T . -46.08 0.04 -1.09
C43 8W4 T . -45.43 1.59 -3.31
C44 8W4 T . -45.23 1.83 -4.67
N45 8W4 T . -45.92 2.80 -5.38
C46 8W4 T . -47.37 3.02 -5.23
O47 8W4 T . -45.91 5.16 -6.64
#